data_4EF8
#
_entry.id   4EF8
#
_cell.length_a   144.190
_cell.length_b   144.190
_cell.length_c   69.870
_cell.angle_alpha   90.00
_cell.angle_beta   90.00
_cell.angle_gamma   120.00
#
_symmetry.space_group_name_H-M   'P 61'
#
loop_
_entity.id
_entity.type
_entity.pdbx_description
1 polymer 'Dihydroorotate dehydrogenase'
2 non-polymer 'FLAVIN MONONUCLEOTIDE'
3 non-polymer N-phenylthioformamide
4 non-polymer 'SULFATE ION'
5 non-polymer GLYCEROL
6 water water
#
_entity_poly.entity_id   1
_entity_poly.type   'polypeptide(L)'
_entity_poly.pdbx_seq_one_letter_code
;MGSSHHHHHHSSGLVPAGSHMASMTGGQQMGRGSMSLQVNLLNNTFANPFMNAAGVMCTTTEELVAMTESASGSLVSKSC
TPALREGNPTPRYQALPLGSINSMGLPNNGFDFYLAYAAEQHDYGKKPLFLSMSGLSMRENVEMCKRLAAVATEKGVILE
LNLSCPNVPGKPQVAYDFDAMRQCLTAVSEVYPHSFGVKMPPYFDFAHFDAAAEILNEFPKVQFITCINSIGNGLVIDAE
TESVVIKPKQGFGGLGGRYVLPTALANINAFYRRCPGKLIFGCGGVYTGEDAFLHVLAGASMVQVGTALQEEGPSIFERL
TSELLGVMAKKRYQTLDEFRGKVRTLDGTAESTR
;
_entity_poly.pdbx_strand_id   A,B
#
loop_
_chem_comp.id
_chem_comp.type
_chem_comp.name
_chem_comp.formula
0FI non-polymer N-phenylthioformamide 'C7 H7 N S'
FMN non-polymer 'FLAVIN MONONUCLEOTIDE' 'C17 H21 N4 O9 P'
GOL non-polymer GLYCEROL 'C3 H8 O3'
SO4 non-polymer 'SULFATE ION' 'O4 S -2'
#
# COMPACT_ATOMS: atom_id res chain seq x y z
N SER A 34 21.83 -10.07 -31.35
CA SER A 34 22.76 -9.85 -30.20
C SER A 34 22.13 -8.91 -29.18
N MET A 35 22.15 -9.32 -27.91
CA MET A 35 21.46 -8.57 -26.87
C MET A 35 22.41 -8.12 -25.77
N SER A 36 21.99 -7.11 -25.01
CA SER A 36 22.81 -6.58 -23.92
C SER A 36 21.93 -6.05 -22.80
N LEU A 37 22.29 -6.40 -21.57
CA LEU A 37 21.62 -5.83 -20.39
C LEU A 37 22.39 -4.64 -19.82
N GLN A 38 23.42 -4.19 -20.53
CA GLN A 38 24.24 -3.06 -20.06
C GLN A 38 23.42 -1.81 -19.70
N VAL A 39 23.81 -1.18 -18.61
CA VAL A 39 23.26 0.11 -18.18
C VAL A 39 24.42 1.07 -17.97
N ASN A 40 24.27 2.28 -18.49
CA ASN A 40 25.26 3.33 -18.28
C ASN A 40 24.65 4.54 -17.57
N LEU A 41 25.08 4.80 -16.35
CA LEU A 41 24.56 5.94 -15.58
C LEU A 41 25.52 6.32 -14.47
N LEU A 42 25.37 7.55 -13.98
CA LEU A 42 26.21 8.09 -12.91
C LEU A 42 27.70 7.86 -13.15
N ASN A 43 28.13 8.09 -14.40
N ASN A 43 28.13 8.09 -14.39
CA ASN A 43 29.53 7.94 -14.77
CA ASN A 43 29.53 7.94 -14.77
C ASN A 43 30.07 6.53 -14.54
C ASN A 43 30.07 6.53 -14.54
N ASN A 44 29.19 5.54 -14.59
CA ASN A 44 29.55 4.15 -14.42
C ASN A 44 28.93 3.28 -15.49
N THR A 45 29.53 2.11 -15.73
CA THR A 45 28.97 1.08 -16.57
C THR A 45 28.58 -0.12 -15.72
N PHE A 46 27.36 -0.62 -15.91
CA PHE A 46 26.84 -1.77 -15.17
C PHE A 46 26.56 -2.90 -16.17
N ALA A 47 26.93 -4.13 -15.81
CA ALA A 47 26.76 -5.27 -16.71
C ALA A 47 25.28 -5.61 -16.94
N ASN A 48 24.46 -5.34 -15.94
CA ASN A 48 23.03 -5.59 -15.98
C ASN A 48 22.39 -4.69 -14.92
N PRO A 49 21.05 -4.55 -14.92
CA PRO A 49 20.42 -3.59 -14.02
C PRO A 49 20.19 -4.14 -12.62
N PHE A 50 20.50 -5.42 -12.40
CA PHE A 50 20.15 -6.03 -11.11
C PHE A 50 21.10 -5.73 -9.97
N MET A 51 20.52 -5.52 -8.79
CA MET A 51 21.27 -5.40 -7.55
C MET A 51 20.37 -5.84 -6.40
N ASN A 52 20.92 -5.99 -5.21
CA ASN A 52 20.07 -6.25 -4.05
C ASN A 52 19.33 -4.98 -3.64
N ALA A 53 18.21 -5.17 -2.96
CA ALA A 53 17.59 -4.08 -2.22
C ALA A 53 18.38 -3.83 -0.94
N ALA A 54 18.49 -2.57 -0.51
CA ALA A 54 19.18 -2.28 0.74
C ALA A 54 18.51 -3.06 1.86
N GLY A 55 19.30 -3.54 2.79
CA GLY A 55 18.73 -4.35 3.86
C GLY A 55 18.72 -5.84 3.64
N VAL A 56 18.74 -6.28 2.38
CA VAL A 56 18.74 -7.71 2.09
C VAL A 56 20.12 -8.21 1.65
N MET A 57 20.60 -9.20 2.41
N MET A 57 20.65 -9.20 2.37
CA MET A 57 21.86 -9.90 2.20
CA MET A 57 21.90 -9.86 1.96
C MET A 57 23.05 -8.97 1.90
C MET A 57 23.10 -8.91 1.82
N CYS A 58 23.23 -7.97 2.75
CA CYS A 58 24.27 -6.95 2.57
C CYS A 58 24.73 -6.31 3.88
N THR A 59 24.66 -7.06 4.98
CA THR A 59 25.00 -6.51 6.29
C THR A 59 26.43 -6.86 6.71
N THR A 60 26.86 -8.10 6.44
CA THR A 60 28.18 -8.58 6.87
C THR A 60 29.20 -8.52 5.74
N THR A 61 30.48 -8.64 6.09
CA THR A 61 31.55 -8.72 5.08
C THR A 61 31.25 -9.88 4.13
N GLU A 62 30.90 -11.03 4.69
CA GLU A 62 30.61 -12.21 3.88
C GLU A 62 29.49 -11.95 2.87
N GLU A 63 28.44 -11.27 3.31
CA GLU A 63 27.33 -10.93 2.42
C GLU A 63 27.75 -9.97 1.33
N LEU A 64 28.53 -8.95 1.69
CA LEU A 64 28.98 -7.98 0.69
C LEU A 64 29.89 -8.62 -0.34
N VAL A 65 30.78 -9.50 0.13
CA VAL A 65 31.63 -10.24 -0.80
C VAL A 65 30.81 -11.15 -1.71
N ALA A 66 29.83 -11.84 -1.14
CA ALA A 66 28.96 -12.71 -1.93
C ALA A 66 28.20 -11.92 -2.99
N MET A 67 27.69 -10.75 -2.61
CA MET A 67 27.03 -9.89 -3.61
C MET A 67 27.99 -9.46 -4.72
N THR A 68 29.23 -9.14 -4.35
CA THR A 68 30.20 -8.70 -5.35
C THR A 68 30.55 -9.83 -6.31
N GLU A 69 30.65 -11.05 -5.75
N GLU A 69 30.68 -11.04 -5.77
CA GLU A 69 31.00 -12.23 -6.55
CA GLU A 69 31.01 -12.20 -6.59
C GLU A 69 29.80 -12.82 -7.31
C GLU A 69 29.84 -12.64 -7.47
N SER A 70 28.62 -12.27 -7.09
CA SER A 70 27.41 -12.70 -7.80
C SER A 70 27.32 -12.13 -9.21
N ALA A 71 26.30 -12.57 -9.94
CA ALA A 71 26.07 -12.09 -11.30
C ALA A 71 25.39 -10.71 -11.34
N SER A 72 25.13 -10.12 -10.17
CA SER A 72 24.42 -8.84 -10.15
C SER A 72 25.23 -7.73 -10.81
N GLY A 73 24.53 -6.74 -11.36
CA GLY A 73 25.18 -5.57 -11.94
C GLY A 73 25.78 -4.63 -10.92
N SER A 74 25.17 -4.59 -9.72
CA SER A 74 25.70 -3.77 -8.64
C SER A 74 25.26 -4.34 -7.29
N LEU A 75 25.50 -3.58 -6.22
CA LEU A 75 25.08 -3.94 -4.88
C LEU A 75 24.99 -2.67 -4.05
N VAL A 76 24.23 -2.75 -2.95
CA VAL A 76 24.12 -1.64 -2.01
C VAL A 76 24.32 -2.22 -0.60
N SER A 77 25.07 -1.51 0.24
CA SER A 77 25.31 -1.97 1.61
C SER A 77 24.12 -1.65 2.52
N LYS A 78 23.92 -2.45 3.58
CA LYS A 78 22.82 -2.27 4.53
C LYS A 78 22.70 -0.84 5.02
N SER A 79 21.48 -0.31 5.03
CA SER A 79 21.25 1.05 5.55
C SER A 79 21.89 1.20 6.91
N CYS A 80 22.73 2.23 7.06
CA CYS A 80 23.55 2.33 8.26
C CYS A 80 23.21 3.53 9.13
N THR A 81 23.51 3.39 10.43
CA THR A 81 23.42 4.45 11.43
C THR A 81 24.85 4.72 11.86
N PRO A 82 25.08 5.84 12.57
CA PRO A 82 26.46 6.20 12.91
C PRO A 82 27.20 5.12 13.70
N ALA A 83 26.51 4.48 14.63
CA ALA A 83 27.07 3.36 15.38
C ALA A 83 26.31 2.08 15.08
N LEU A 84 26.92 0.95 15.42
CA LEU A 84 26.23 -0.33 15.29
C LEU A 84 24.90 -0.35 16.04
N ARG A 85 23.96 -1.13 15.51
CA ARG A 85 22.61 -1.19 16.03
C ARG A 85 22.16 -2.65 16.03
N GLU A 86 21.59 -3.08 17.14
CA GLU A 86 21.07 -4.44 17.30
C GLU A 86 19.80 -4.72 16.50
N GLY A 87 18.96 -3.70 16.35
CA GLY A 87 17.67 -3.91 15.70
C GLY A 87 16.63 -4.45 16.67
N ASN A 88 15.46 -4.79 16.14
CA ASN A 88 14.29 -5.11 16.96
C ASN A 88 14.36 -6.56 17.44
N PRO A 89 13.55 -6.90 18.46
CA PRO A 89 13.49 -8.28 18.91
C PRO A 89 12.91 -9.23 17.87
N THR A 90 13.30 -10.49 17.93
CA THR A 90 12.87 -11.51 16.98
C THR A 90 11.67 -12.27 17.53
N PRO A 91 10.85 -12.88 16.65
CA PRO A 91 10.96 -12.86 15.20
C PRO A 91 10.64 -11.47 14.62
N ARG A 92 11.41 -11.07 13.62
CA ARG A 92 11.22 -9.74 13.01
C ARG A 92 11.10 -9.81 11.49
N TYR A 93 11.16 -11.02 10.95
CA TYR A 93 10.94 -11.26 9.53
C TYR A 93 10.16 -12.56 9.35
N GLN A 94 9.17 -12.54 8.46
CA GLN A 94 8.44 -13.75 8.11
C GLN A 94 8.21 -13.82 6.61
N ALA A 95 8.66 -14.89 5.96
CA ALA A 95 8.33 -15.13 4.56
C ALA A 95 6.89 -15.61 4.46
N LEU A 96 6.23 -15.21 3.38
CA LEU A 96 4.81 -15.47 3.16
C LEU A 96 4.58 -15.98 1.75
N PRO A 97 3.45 -16.68 1.53
CA PRO A 97 3.16 -17.11 0.15
C PRO A 97 3.18 -15.98 -0.86
N LEU A 98 2.71 -14.81 -0.46
CA LEU A 98 2.68 -13.66 -1.39
C LEU A 98 3.78 -12.63 -1.14
N GLY A 99 4.75 -12.94 -0.30
CA GLY A 99 5.85 -12.00 -0.13
C GLY A 99 6.55 -12.13 1.20
N SER A 100 6.57 -11.04 1.97
CA SER A 100 7.21 -11.04 3.28
C SER A 100 6.67 -9.90 4.13
N ILE A 101 6.86 -10.02 5.43
CA ILE A 101 6.59 -8.92 6.35
C ILE A 101 7.80 -8.81 7.27
N ASN A 102 8.20 -7.58 7.59
CA ASN A 102 9.33 -7.42 8.50
C ASN A 102 9.22 -6.17 9.35
N SER A 103 9.86 -6.23 10.51
CA SER A 103 10.14 -5.02 11.27
C SER A 103 11.57 -5.15 11.81
N MET A 104 12.55 -5.09 10.91
CA MET A 104 13.93 -5.37 11.32
C MET A 104 14.46 -4.39 12.36
N GLY A 105 14.15 -3.10 12.22
CA GLY A 105 14.63 -2.10 13.16
C GLY A 105 16.05 -1.61 12.90
N LEU A 106 16.45 -1.59 11.63
CA LEU A 106 17.78 -1.15 11.20
C LEU A 106 18.96 -1.82 11.90
N PRO A 107 18.96 -3.16 12.00
CA PRO A 107 20.16 -3.81 12.51
C PRO A 107 21.28 -3.62 11.51
N ASN A 108 22.42 -3.06 11.95
CA ASN A 108 23.52 -2.83 11.01
C ASN A 108 24.84 -2.69 11.77
N ASN A 109 25.94 -2.86 11.05
CA ASN A 109 27.26 -2.84 11.68
C ASN A 109 27.79 -1.43 11.97
N GLY A 110 27.04 -0.41 11.59
CA GLY A 110 27.47 0.97 11.82
C GLY A 110 28.23 1.58 10.65
N PHE A 111 28.19 2.90 10.55
CA PHE A 111 28.79 3.61 9.42
C PHE A 111 30.28 3.32 9.21
N ASP A 112 31.06 3.25 10.28
CA ASP A 112 32.50 3.04 10.09
C ASP A 112 32.77 1.77 9.30
N PHE A 113 31.99 0.72 9.58
CA PHE A 113 32.14 -0.58 8.96
C PHE A 113 31.88 -0.50 7.46
N TYR A 114 30.75 0.11 7.08
CA TYR A 114 30.41 0.23 5.66
C TYR A 114 31.33 1.20 4.91
N LEU A 115 31.76 2.25 5.60
CA LEU A 115 32.73 3.16 4.99
C LEU A 115 34.04 2.45 4.70
N ALA A 116 34.51 1.62 5.64
CA ALA A 116 35.77 0.89 5.47
C ALA A 116 35.68 -0.10 4.32
N TYR A 117 34.54 -0.76 4.20
CA TYR A 117 34.32 -1.65 3.07
C TYR A 117 34.46 -0.89 1.75
N ALA A 118 33.79 0.26 1.64
CA ALA A 118 33.85 1.09 0.45
C ALA A 118 35.25 1.62 0.18
N ALA A 119 35.97 1.98 1.23
CA ALA A 119 37.26 2.65 1.09
C ALA A 119 38.39 1.68 0.77
N GLU A 120 38.35 0.50 1.35
CA GLU A 120 39.51 -0.38 1.35
C GLU A 120 39.30 -1.79 0.80
N GLN A 121 38.08 -2.31 0.86
CA GLN A 121 37.83 -3.71 0.54
C GLN A 121 37.11 -3.98 -0.78
N HIS A 122 36.15 -3.12 -1.13
CA HIS A 122 35.35 -3.40 -2.32
C HIS A 122 36.16 -3.42 -3.58
N ASP A 123 35.90 -4.43 -4.40
CA ASP A 123 36.54 -4.54 -5.71
C ASP A 123 35.73 -3.78 -6.78
N TYR A 124 36.09 -2.53 -7.01
CA TYR A 124 35.39 -1.70 -7.98
C TYR A 124 35.63 -2.20 -9.40
N GLY A 125 36.69 -3.00 -9.55
CA GLY A 125 36.95 -3.67 -10.83
C GLY A 125 35.80 -4.59 -11.24
N LYS A 126 35.12 -5.16 -10.25
N LYS A 126 35.15 -5.22 -10.27
CA LYS A 126 34.05 -6.14 -10.46
CA LYS A 126 34.04 -6.11 -10.57
C LYS A 126 32.66 -5.55 -10.68
C LYS A 126 32.78 -5.32 -10.89
N LYS A 127 32.35 -4.47 -9.96
CA LYS A 127 31.09 -3.72 -10.14
C LYS A 127 31.05 -2.45 -9.29
N PRO A 128 30.18 -1.49 -9.65
CA PRO A 128 30.03 -0.32 -8.79
C PRO A 128 29.33 -0.65 -7.48
N LEU A 129 29.56 0.21 -6.49
CA LEU A 129 29.02 0.04 -5.13
C LEU A 129 28.18 1.23 -4.70
N PHE A 130 27.00 0.95 -4.16
CA PHE A 130 26.17 1.94 -3.48
C PHE A 130 26.26 1.73 -1.98
N LEU A 131 26.22 2.83 -1.22
CA LEU A 131 26.19 2.76 0.24
C LEU A 131 24.87 3.37 0.70
N SER A 132 24.06 2.61 1.42
CA SER A 132 22.79 3.14 1.92
C SER A 132 22.99 3.72 3.31
N MET A 133 22.48 4.94 3.50
CA MET A 133 22.63 5.66 4.77
C MET A 133 21.25 5.93 5.37
N SER A 134 21.06 5.61 6.65
CA SER A 134 19.77 5.82 7.30
C SER A 134 19.92 6.34 8.72
N GLY A 135 20.55 7.51 8.84
CA GLY A 135 20.65 8.20 10.12
C GLY A 135 19.28 8.51 10.67
N LEU A 136 19.19 8.65 11.99
CA LEU A 136 17.91 8.86 12.65
C LEU A 136 17.66 10.32 13.02
N SER A 137 18.53 11.19 12.53
CA SER A 137 18.32 12.62 12.61
C SER A 137 19.04 13.32 11.46
N MET A 138 18.75 14.60 11.28
CA MET A 138 19.48 15.41 10.32
C MET A 138 20.97 15.43 10.67
N ARG A 139 21.28 15.67 11.94
CA ARG A 139 22.65 15.73 12.42
C ARG A 139 23.43 14.45 12.10
N GLU A 140 22.79 13.29 12.28
CA GLU A 140 23.45 12.01 12.03
C GLU A 140 23.83 11.88 10.56
N ASN A 141 22.89 12.19 9.66
CA ASN A 141 23.22 12.12 8.25
C ASN A 141 24.26 13.15 7.80
N VAL A 142 24.16 14.36 8.34
CA VAL A 142 25.16 15.39 8.02
C VAL A 142 26.58 14.94 8.38
N GLU A 143 26.74 14.38 9.58
N GLU A 143 26.78 14.44 9.59
CA GLU A 143 28.05 13.98 10.06
CA GLU A 143 28.14 14.02 9.96
C GLU A 143 28.62 12.76 9.32
C GLU A 143 28.61 12.83 9.12
N MET A 144 27.74 11.85 8.90
CA MET A 144 28.16 10.71 8.08
C MET A 144 28.53 11.18 6.67
N CYS A 145 27.69 12.02 6.08
CA CYS A 145 27.98 12.53 4.73
C CYS A 145 29.30 13.28 4.66
N LYS A 146 29.62 14.06 5.68
CA LYS A 146 30.88 14.79 5.68
C LYS A 146 32.06 13.85 5.57
N ARG A 147 31.97 12.68 6.20
CA ARG A 147 33.03 11.68 6.14
C ARG A 147 33.00 10.84 4.85
N LEU A 148 31.80 10.60 4.33
CA LEU A 148 31.65 9.82 3.10
C LEU A 148 32.24 10.54 1.90
N ALA A 149 32.19 11.88 1.93
CA ALA A 149 32.61 12.70 0.80
C ALA A 149 33.96 12.27 0.19
N ALA A 150 34.98 12.14 1.04
CA ALA A 150 36.32 11.79 0.57
C ALA A 150 36.39 10.42 -0.08
N VAL A 151 35.64 9.47 0.47
CA VAL A 151 35.65 8.11 -0.06
C VAL A 151 34.92 8.04 -1.41
N ALA A 152 33.81 8.76 -1.53
CA ALA A 152 33.12 8.88 -2.81
C ALA A 152 34.06 9.46 -3.86
N THR A 153 34.77 10.51 -3.51
CA THR A 153 35.74 11.15 -4.42
C THR A 153 36.83 10.18 -4.86
N GLU A 154 37.45 9.52 -3.89
CA GLU A 154 38.61 8.66 -4.17
C GLU A 154 38.28 7.30 -4.78
N LYS A 155 37.16 6.71 -4.38
CA LYS A 155 36.86 5.33 -4.75
C LYS A 155 35.62 5.17 -5.63
N GLY A 156 34.69 6.13 -5.55
CA GLY A 156 33.53 6.13 -6.44
C GLY A 156 32.26 5.52 -5.87
N VAL A 157 32.27 5.17 -4.59
CA VAL A 157 31.05 4.71 -3.94
C VAL A 157 29.97 5.78 -4.11
N ILE A 158 28.72 5.33 -4.30
CA ILE A 158 27.57 6.21 -4.53
C ILE A 158 26.57 6.13 -3.38
N LEU A 159 26.15 7.28 -2.86
CA LEU A 159 25.18 7.34 -1.75
C LEU A 159 23.74 7.09 -2.18
N GLU A 160 23.07 6.15 -1.53
CA GLU A 160 21.60 6.05 -1.55
C GLU A 160 21.10 6.48 -0.17
N LEU A 161 20.54 7.67 -0.07
CA LEU A 161 20.06 8.22 1.20
C LEU A 161 18.66 7.68 1.48
N ASN A 162 18.51 6.97 2.61
CA ASN A 162 17.23 6.36 2.92
C ASN A 162 16.32 7.34 3.66
N LEU A 163 15.35 7.89 2.95
N LEU A 163 15.35 7.93 2.98
CA LEU A 163 14.37 8.79 3.53
CA LEU A 163 14.42 8.82 3.68
C LEU A 163 13.13 8.06 4.01
C LEU A 163 13.08 8.16 3.95
N SER A 164 13.01 6.77 3.68
N SER A 164 13.04 6.84 3.82
CA SER A 164 11.94 5.95 4.20
CA SER A 164 11.87 6.07 4.21
C SER A 164 12.43 5.43 5.55
C SER A 164 12.10 5.51 5.61
N CYS A 165 12.61 6.38 6.46
CA CYS A 165 13.19 6.05 7.77
C CYS A 165 12.37 6.62 8.91
N PRO A 166 12.54 6.05 10.12
CA PRO A 166 11.78 6.53 11.28
C PRO A 166 12.07 8.00 11.60
N ASN A 167 11.02 8.67 12.06
CA ASN A 167 11.07 10.09 12.40
C ASN A 167 10.95 10.22 13.92
N VAL A 168 10.94 11.45 14.41
CA VAL A 168 10.74 11.73 15.84
C VAL A 168 9.40 11.19 16.33
N PRO A 169 9.28 10.96 17.65
CA PRO A 169 7.99 10.52 18.18
C PRO A 169 6.86 11.41 17.67
N GLY A 170 5.75 10.80 17.29
CA GLY A 170 4.56 11.54 16.88
C GLY A 170 4.46 11.89 15.41
N LYS A 171 5.55 11.68 14.67
CA LYS A 171 5.57 12.03 13.25
C LYS A 171 5.74 10.78 12.39
N PRO A 172 5.25 10.84 11.14
CA PRO A 172 5.42 9.69 10.26
C PRO A 172 6.84 9.60 9.72
N GLN A 173 7.14 8.50 9.03
CA GLN A 173 8.45 8.33 8.42
C GLN A 173 8.84 9.54 7.60
N VAL A 174 10.14 9.81 7.48
CA VAL A 174 10.61 11.09 6.98
C VAL A 174 9.98 11.51 5.66
N ALA A 175 9.93 10.62 4.67
CA ALA A 175 9.38 11.01 3.37
C ALA A 175 7.87 11.18 3.37
N TYR A 176 7.21 10.84 4.48
CA TYR A 176 5.79 11.15 4.60
C TYR A 176 5.57 12.48 5.34
N ASP A 177 6.67 13.14 5.69
CA ASP A 177 6.64 14.42 6.37
C ASP A 177 7.41 15.34 5.44
N PHE A 178 6.68 16.04 4.56
CA PHE A 178 7.35 16.74 3.45
C PHE A 178 8.31 17.82 3.93
N ASP A 179 8.02 18.43 5.08
CA ASP A 179 8.96 19.39 5.64
C ASP A 179 10.25 18.74 6.14
N ALA A 180 10.13 17.61 6.83
CA ALA A 180 11.31 16.87 7.27
C ALA A 180 12.12 16.42 6.07
N MET A 181 11.42 16.00 5.01
CA MET A 181 12.10 15.54 3.80
C MET A 181 12.87 16.71 3.15
N ARG A 182 12.23 17.85 3.01
CA ARG A 182 12.91 19.02 2.45
C ARG A 182 14.12 19.44 3.28
N GLN A 183 13.96 19.45 4.60
CA GLN A 183 15.10 19.80 5.46
C GLN A 183 16.28 18.84 5.31
N CYS A 184 16.00 17.60 5.23
CA CYS A 184 17.00 16.56 5.06
C CYS A 184 17.70 16.74 3.78
N LEU A 185 17.07 16.94 2.70
CA LEU A 185 17.69 17.08 1.36
C LEU A 185 18.49 18.38 1.27
N THR A 186 17.98 19.43 1.92
CA THR A 186 18.72 20.68 2.00
C THR A 186 20.04 20.51 2.76
N ALA A 187 19.99 19.82 3.90
CA ALA A 187 21.19 19.65 4.72
C ALA A 187 22.22 18.78 4.01
N VAL A 188 21.78 17.65 3.48
CA VAL A 188 22.70 16.76 2.77
C VAL A 188 23.28 17.46 1.56
N SER A 189 22.44 18.17 0.80
CA SER A 189 22.96 18.91 -0.35
C SER A 189 23.96 19.99 0.04
N GLU A 190 23.78 20.57 1.22
CA GLU A 190 24.70 21.62 1.66
C GLU A 190 26.08 21.07 1.97
N VAL A 191 26.14 19.87 2.56
CA VAL A 191 27.42 19.37 3.09
C VAL A 191 28.07 18.27 2.26
N TYR A 192 27.32 17.69 1.33
CA TYR A 192 27.82 16.55 0.56
C TYR A 192 28.08 16.95 -0.90
N PRO A 193 29.37 16.97 -1.30
CA PRO A 193 29.74 17.55 -2.59
C PRO A 193 29.65 16.56 -3.74
N HIS A 194 28.59 15.75 -3.79
CA HIS A 194 28.42 14.76 -4.85
C HIS A 194 26.97 14.55 -5.17
N SER A 195 26.70 13.97 -6.34
N SER A 195 26.71 13.96 -6.32
CA SER A 195 25.37 13.50 -6.64
CA SER A 195 25.36 13.50 -6.65
C SER A 195 25.04 12.41 -5.62
C SER A 195 25.04 12.29 -5.78
N PHE A 196 23.76 12.13 -5.47
CA PHE A 196 23.30 11.00 -4.67
C PHE A 196 21.89 10.60 -5.07
N GLY A 197 21.37 9.54 -4.47
CA GLY A 197 19.99 9.15 -4.72
C GLY A 197 19.22 9.05 -3.42
N VAL A 198 17.91 8.91 -3.53
CA VAL A 198 17.04 8.85 -2.36
C VAL A 198 16.14 7.63 -2.46
N LYS A 199 16.10 6.82 -1.41
CA LYS A 199 15.16 5.70 -1.31
C LYS A 199 13.84 6.18 -0.73
N MET A 200 12.75 5.96 -1.45
CA MET A 200 11.45 6.53 -1.12
C MET A 200 10.43 5.49 -0.70
N PRO A 201 9.53 5.85 0.22
CA PRO A 201 8.38 4.98 0.48
C PRO A 201 7.36 5.13 -0.66
N PRO A 202 6.41 4.21 -0.76
CA PRO A 202 5.34 4.38 -1.72
C PRO A 202 4.39 5.51 -1.34
N TYR A 203 3.91 6.23 -2.35
CA TYR A 203 2.74 7.08 -2.20
C TYR A 203 1.54 6.51 -2.95
N PHE A 204 0.35 7.04 -2.64
CA PHE A 204 -0.91 6.40 -3.00
C PHE A 204 -1.93 7.41 -3.53
N ASP A 205 -1.45 8.61 -3.87
CA ASP A 205 -2.32 9.71 -4.27
C ASP A 205 -1.54 10.63 -5.19
N PHE A 206 -2.15 11.05 -6.30
CA PHE A 206 -1.47 11.91 -7.26
C PHE A 206 -1.01 13.23 -6.63
N ALA A 207 -1.74 13.73 -5.65
CA ALA A 207 -1.33 14.98 -4.99
C ALA A 207 -0.01 14.77 -4.25
N HIS A 208 0.20 13.56 -3.72
CA HIS A 208 1.46 13.22 -3.06
C HIS A 208 2.58 12.97 -4.04
N PHE A 209 2.28 12.30 -5.15
CA PHE A 209 3.29 12.18 -6.20
C PHE A 209 3.74 13.58 -6.63
N ASP A 210 2.79 14.49 -6.82
CA ASP A 210 3.15 15.87 -7.23
C ASP A 210 3.98 16.58 -6.17
N ALA A 211 3.57 16.51 -4.91
CA ALA A 211 4.26 17.22 -3.83
C ALA A 211 5.67 16.70 -3.64
N ALA A 212 5.83 15.37 -3.63
CA ALA A 212 7.14 14.77 -3.47
C ALA A 212 8.07 15.08 -4.64
N ALA A 213 7.54 14.98 -5.87
CA ALA A 213 8.34 15.31 -7.04
C ALA A 213 8.79 16.77 -7.05
N GLU A 214 7.88 17.67 -6.65
CA GLU A 214 8.23 19.08 -6.59
C GLU A 214 9.43 19.31 -5.68
N ILE A 215 9.41 18.68 -4.51
CA ILE A 215 10.52 18.78 -3.57
C ILE A 215 11.81 18.19 -4.17
N LEU A 216 11.73 16.96 -4.69
CA LEU A 216 12.90 16.32 -5.25
C LEU A 216 13.53 17.14 -6.37
N ASN A 217 12.67 17.74 -7.21
CA ASN A 217 13.15 18.54 -8.33
C ASN A 217 13.87 19.83 -7.93
N GLU A 218 13.76 20.23 -6.67
CA GLU A 218 14.51 21.39 -6.20
C GLU A 218 15.97 21.08 -5.84
N PHE A 219 16.37 19.82 -5.95
CA PHE A 219 17.72 19.41 -5.54
C PHE A 219 18.45 18.73 -6.69
N PRO A 220 19.27 19.50 -7.42
CA PRO A 220 19.94 18.91 -8.57
C PRO A 220 20.91 17.78 -8.24
N LYS A 221 21.39 17.73 -7.00
CA LYS A 221 22.30 16.64 -6.63
C LYS A 221 21.56 15.31 -6.52
N VAL A 222 20.24 15.35 -6.34
CA VAL A 222 19.47 14.10 -6.33
C VAL A 222 19.34 13.61 -7.77
N GLN A 223 20.16 12.64 -8.13
CA GLN A 223 20.24 12.18 -9.52
C GLN A 223 19.55 10.84 -9.76
N PHE A 224 19.19 10.15 -8.68
CA PHE A 224 18.31 8.99 -8.80
C PHE A 224 17.34 8.90 -7.64
N ILE A 225 16.19 8.26 -7.89
CA ILE A 225 15.16 8.02 -6.88
C ILE A 225 14.88 6.53 -6.92
N THR A 226 14.96 5.86 -5.77
CA THR A 226 14.64 4.44 -5.71
C THR A 226 13.22 4.26 -5.16
N CYS A 227 12.37 3.66 -5.99
CA CYS A 227 10.95 3.47 -5.68
C CYS A 227 10.74 1.96 -5.76
N ILE A 228 10.44 1.25 -4.67
CA ILE A 228 9.98 1.76 -3.39
C ILE A 228 10.54 0.94 -2.24
N ASN A 229 10.48 1.53 -1.05
N ASN A 229 10.52 1.53 -1.05
CA ASN A 229 10.62 0.76 0.17
CA ASN A 229 10.63 0.77 0.20
C ASN A 229 9.32 -0.01 0.37
C ASN A 229 9.32 0.01 0.38
N SER A 230 9.23 -0.76 1.46
CA SER A 230 8.06 -1.58 1.74
C SER A 230 6.75 -0.80 1.81
N ILE A 231 5.64 -1.48 1.54
CA ILE A 231 4.33 -0.92 1.92
C ILE A 231 4.23 -1.01 3.44
N GLY A 232 4.21 0.16 4.08
CA GLY A 232 4.38 0.21 5.54
C GLY A 232 3.24 -0.35 6.35
N ASN A 233 3.61 -0.95 7.49
CA ASN A 233 2.64 -1.26 8.54
C ASN A 233 1.44 -2.09 8.10
N GLY A 234 1.71 -3.13 7.32
CA GLY A 234 0.73 -4.20 7.14
C GLY A 234 0.68 -5.05 8.39
N LEU A 235 -0.34 -5.91 8.49
CA LEU A 235 -0.48 -6.79 9.66
C LEU A 235 -0.86 -8.16 9.14
N VAL A 236 0.06 -9.12 9.28
CA VAL A 236 -0.21 -10.50 8.89
C VAL A 236 -0.71 -11.24 10.14
N ILE A 237 -1.82 -11.96 9.98
CA ILE A 237 -2.36 -12.78 11.06
C ILE A 237 -2.39 -14.22 10.57
N ASP A 238 -1.88 -15.14 11.39
CA ASP A 238 -1.86 -16.57 11.09
C ASP A 238 -3.15 -17.18 11.63
N ALA A 239 -3.97 -17.72 10.73
CA ALA A 239 -5.29 -18.23 11.12
C ALA A 239 -5.15 -19.42 12.06
N GLU A 240 -4.09 -20.20 11.88
CA GLU A 240 -3.90 -21.40 12.71
C GLU A 240 -3.56 -21.03 14.15
N THR A 241 -2.66 -20.06 14.32
CA THR A 241 -2.26 -19.65 15.66
C THR A 241 -3.11 -18.52 16.26
N GLU A 242 -3.93 -17.88 15.42
CA GLU A 242 -4.73 -16.75 15.87
C GLU A 242 -3.86 -15.62 16.42
N SER A 243 -2.70 -15.45 15.80
CA SER A 243 -1.73 -14.49 16.28
C SER A 243 -1.04 -13.79 15.12
N VAL A 244 -0.40 -12.68 15.45
CA VAL A 244 0.53 -12.03 14.52
C VAL A 244 1.78 -12.89 14.33
N VAL A 245 2.64 -12.50 13.39
CA VAL A 245 3.78 -13.35 13.03
C VAL A 245 5.14 -12.72 13.31
N ILE A 246 5.17 -11.43 13.65
CA ILE A 246 6.41 -10.79 14.09
C ILE A 246 6.20 -10.10 15.43
N LYS A 247 7.29 -9.95 16.18
CA LYS A 247 7.19 -9.47 17.55
C LYS A 247 7.10 -7.94 17.73
N PRO A 248 7.91 -7.16 17.01
CA PRO A 248 7.88 -5.71 17.24
C PRO A 248 6.54 -5.09 16.86
N LYS A 249 6.20 -3.97 17.49
CA LYS A 249 5.10 -3.12 17.05
C LYS A 249 3.77 -3.87 16.89
N GLN A 250 3.50 -4.80 17.80
N GLN A 250 3.47 -4.78 17.81
CA GLN A 250 2.25 -5.56 17.84
CA GLN A 250 2.21 -5.51 17.82
C GLN A 250 1.95 -6.30 16.55
C GLN A 250 1.94 -6.30 16.54
N GLY A 251 3.01 -6.65 15.81
CA GLY A 251 2.88 -7.45 14.61
C GLY A 251 2.83 -6.65 13.33
N PHE A 252 2.82 -5.32 13.44
CA PHE A 252 2.78 -4.46 12.25
C PHE A 252 4.17 -4.35 11.61
N GLY A 253 4.23 -4.43 10.29
CA GLY A 253 5.55 -4.40 9.64
C GLY A 253 5.44 -4.13 8.15
N GLY A 254 6.59 -3.87 7.53
CA GLY A 254 6.56 -3.54 6.10
C GLY A 254 6.35 -4.76 5.23
N LEU A 255 5.54 -4.61 4.19
CA LEU A 255 5.24 -5.69 3.24
C LEU A 255 6.17 -5.59 2.05
N GLY A 256 6.66 -6.75 1.62
CA GLY A 256 7.44 -6.83 0.37
C GLY A 256 6.93 -8.00 -0.46
N GLY A 257 7.46 -8.14 -1.66
CA GLY A 257 7.14 -9.30 -2.49
C GLY A 257 5.97 -9.08 -3.44
N ARG A 258 5.24 -10.15 -3.72
N ARG A 258 5.22 -10.14 -3.72
CA ARG A 258 4.14 -10.09 -4.69
CA ARG A 258 4.16 -10.06 -4.72
C ARG A 258 3.14 -9.00 -4.32
C ARG A 258 3.02 -9.11 -4.32
N TYR A 259 2.92 -8.82 -3.03
CA TYR A 259 1.98 -7.81 -2.54
C TYR A 259 2.19 -6.43 -3.16
N VAL A 260 3.45 -6.08 -3.43
CA VAL A 260 3.79 -4.68 -3.68
C VAL A 260 4.09 -4.33 -5.14
N LEU A 261 3.98 -5.30 -6.06
CA LEU A 261 4.40 -5.01 -7.43
C LEU A 261 3.64 -3.86 -8.12
N PRO A 262 2.29 -3.87 -8.11
CA PRO A 262 1.59 -2.75 -8.76
C PRO A 262 1.86 -1.40 -8.09
N THR A 263 2.08 -1.42 -6.78
CA THR A 263 2.41 -0.19 -6.06
C THR A 263 3.81 0.30 -6.48
N ALA A 264 4.76 -0.63 -6.61
CA ALA A 264 6.10 -0.29 -7.05
C ALA A 264 6.08 0.28 -8.47
N LEU A 265 5.40 -0.41 -9.38
CA LEU A 265 5.28 0.07 -10.75
C LEU A 265 4.67 1.47 -10.81
N ALA A 266 3.64 1.71 -9.99
CA ALA A 266 2.99 3.01 -9.95
C ALA A 266 3.97 4.08 -9.54
N ASN A 267 4.74 3.81 -8.50
CA ASN A 267 5.66 4.81 -8.01
C ASN A 267 6.82 5.04 -9.00
N ILE A 268 7.36 3.96 -9.54
CA ILE A 268 8.42 4.06 -10.55
C ILE A 268 7.93 4.97 -11.68
N ASN A 269 6.74 4.69 -12.20
CA ASN A 269 6.26 5.46 -13.34
C ASN A 269 5.88 6.88 -12.96
N ALA A 270 5.29 7.07 -11.77
CA ALA A 270 4.87 8.39 -11.34
C ALA A 270 6.07 9.34 -11.26
N PHE A 271 7.18 8.87 -10.72
CA PHE A 271 8.38 9.68 -10.58
C PHE A 271 9.17 9.74 -11.88
N TYR A 272 9.10 8.68 -12.68
CA TYR A 272 9.68 8.73 -14.02
C TYR A 272 9.08 9.90 -14.81
N ARG A 273 7.77 10.06 -14.71
CA ARG A 273 7.07 11.13 -15.43
C ARG A 273 7.35 12.49 -14.84
N ARG A 274 7.36 12.59 -13.52
CA ARG A 274 7.38 13.89 -12.86
C ARG A 274 8.78 14.42 -12.58
N CYS A 275 9.79 13.55 -12.63
CA CYS A 275 11.18 13.94 -12.40
C CYS A 275 12.03 13.59 -13.63
N PRO A 276 11.76 14.24 -14.77
CA PRO A 276 12.42 13.83 -16.01
C PRO A 276 13.93 14.04 -16.04
N GLY A 277 14.46 14.87 -15.15
CA GLY A 277 15.90 15.10 -15.08
C GLY A 277 16.64 14.10 -14.22
N LYS A 278 15.93 13.12 -13.68
CA LYS A 278 16.49 12.14 -12.75
C LYS A 278 16.28 10.72 -13.25
N LEU A 279 17.09 9.79 -12.74
CA LEU A 279 16.95 8.37 -13.01
C LEU A 279 16.05 7.75 -11.94
N ILE A 280 15.33 6.69 -12.31
CA ILE A 280 14.53 5.95 -11.34
C ILE A 280 15.12 4.56 -11.18
N PHE A 281 15.33 4.13 -9.93
CA PHE A 281 15.69 2.74 -9.67
C PHE A 281 14.43 2.06 -9.15
N GLY A 282 14.11 0.89 -9.68
CA GLY A 282 12.93 0.16 -9.24
C GLY A 282 13.27 -0.77 -8.10
N CYS A 283 12.32 -0.94 -7.18
CA CYS A 283 12.46 -1.89 -6.09
C CYS A 283 11.07 -2.29 -5.65
N GLY A 284 10.82 -3.60 -5.58
CA GLY A 284 9.52 -4.08 -5.14
C GLY A 284 8.92 -5.15 -6.03
N GLY A 285 8.79 -6.36 -5.50
CA GLY A 285 8.01 -7.39 -6.18
C GLY A 285 8.72 -8.15 -7.28
N VAL A 286 10.05 -8.02 -7.39
CA VAL A 286 10.78 -8.71 -8.48
C VAL A 286 11.16 -10.14 -8.08
N TYR A 287 10.57 -11.11 -8.79
CA TYR A 287 10.91 -12.53 -8.62
C TYR A 287 11.43 -13.13 -9.91
N THR A 288 11.09 -12.53 -11.03
CA THR A 288 11.42 -13.09 -12.35
C THR A 288 11.92 -12.03 -13.31
N GLY A 289 12.53 -12.48 -14.40
CA GLY A 289 12.88 -11.58 -15.49
C GLY A 289 11.69 -10.82 -16.04
N GLU A 290 10.52 -11.43 -16.08
CA GLU A 290 9.30 -10.74 -16.52
C GLU A 290 8.96 -9.57 -15.58
N ASP A 291 9.04 -9.80 -14.27
CA ASP A 291 8.82 -8.69 -13.31
C ASP A 291 9.80 -7.54 -13.56
N ALA A 292 11.06 -7.87 -13.80
CA ALA A 292 12.08 -6.86 -14.08
C ALA A 292 11.76 -6.09 -15.37
N PHE A 293 11.27 -6.83 -16.37
CA PHE A 293 10.85 -6.21 -17.61
C PHE A 293 9.77 -5.15 -17.36
N LEU A 294 8.84 -5.46 -16.47
CA LEU A 294 7.79 -4.50 -16.10
C LEU A 294 8.37 -3.27 -15.40
N HIS A 295 9.30 -3.47 -14.48
CA HIS A 295 9.99 -2.33 -13.85
C HIS A 295 10.59 -1.41 -14.88
N VAL A 296 11.26 -2.00 -15.88
CA VAL A 296 11.93 -1.18 -16.89
C VAL A 296 10.93 -0.48 -17.81
N LEU A 297 9.88 -1.18 -18.23
N LEU A 297 9.88 -1.18 -18.20
CA LEU A 297 8.81 -0.54 -19.00
CA LEU A 297 8.81 -0.57 -19.01
C LEU A 297 8.27 0.67 -18.27
C LEU A 297 8.17 0.61 -18.28
N ALA A 298 8.13 0.55 -16.95
CA ALA A 298 7.58 1.65 -16.15
C ALA A 298 8.54 2.83 -16.00
N GLY A 299 9.81 2.60 -16.27
CA GLY A 299 10.84 3.65 -16.22
C GLY A 299 12.13 3.31 -15.48
N ALA A 300 12.26 2.12 -14.91
CA ALA A 300 13.44 1.80 -14.10
C ALA A 300 14.73 1.69 -14.92
N SER A 301 15.80 2.26 -14.36
CA SER A 301 17.18 2.07 -14.83
C SER A 301 17.89 0.88 -14.19
N MET A 302 17.95 0.86 -12.86
CA MET A 302 18.40 -0.33 -12.11
C MET A 302 17.17 -1.01 -11.52
N VAL A 303 17.29 -2.28 -11.16
CA VAL A 303 16.18 -3.06 -10.61
C VAL A 303 16.70 -3.80 -9.37
N GLN A 304 16.13 -3.48 -8.21
CA GLN A 304 16.59 -4.05 -6.96
C GLN A 304 15.69 -5.19 -6.52
N VAL A 305 16.29 -6.17 -5.86
CA VAL A 305 15.62 -7.41 -5.50
C VAL A 305 15.76 -7.64 -4.00
N GLY A 306 14.63 -7.77 -3.31
CA GLY A 306 14.61 -7.89 -1.85
C GLY A 306 14.13 -9.27 -1.42
N THR A 307 12.84 -9.40 -1.19
CA THR A 307 12.24 -10.65 -0.71
C THR A 307 12.71 -11.87 -1.52
N ALA A 308 12.66 -11.79 -2.84
CA ALA A 308 13.11 -12.95 -3.62
C ALA A 308 14.56 -13.36 -3.38
N LEU A 309 15.43 -12.36 -3.19
CA LEU A 309 16.84 -12.59 -2.90
C LEU A 309 16.97 -13.18 -1.50
N GLN A 310 16.18 -12.68 -0.56
CA GLN A 310 16.21 -13.22 0.80
C GLN A 310 15.91 -14.72 0.77
N GLU A 311 14.99 -15.12 -0.10
CA GLU A 311 14.55 -16.51 -0.11
C GLU A 311 15.46 -17.43 -0.91
N GLU A 312 16.17 -16.89 -1.88
CA GLU A 312 16.90 -17.71 -2.85
C GLU A 312 18.42 -17.57 -2.74
N GLY A 313 18.90 -16.46 -2.20
CA GLY A 313 20.33 -16.19 -2.17
C GLY A 313 20.86 -15.59 -3.46
N PRO A 314 22.14 -15.17 -3.46
CA PRO A 314 22.69 -14.40 -4.57
C PRO A 314 22.78 -15.14 -5.91
N SER A 315 22.57 -16.45 -5.89
CA SER A 315 22.50 -17.19 -7.15
C SER A 315 21.31 -16.72 -7.98
N ILE A 316 20.35 -16.05 -7.33
CA ILE A 316 19.18 -15.54 -8.05
C ILE A 316 19.57 -14.66 -9.23
N PHE A 317 20.72 -13.97 -9.15
CA PHE A 317 21.05 -13.00 -10.19
C PHE A 317 21.40 -13.66 -11.52
N GLU A 318 21.96 -14.86 -11.46
CA GLU A 318 22.21 -15.63 -12.68
C GLU A 318 20.88 -15.99 -13.35
N ARG A 319 19.90 -16.40 -12.55
CA ARG A 319 18.56 -16.70 -13.06
C ARG A 319 17.87 -15.47 -13.61
N LEU A 320 17.93 -14.35 -12.89
CA LEU A 320 17.22 -13.15 -13.35
C LEU A 320 17.80 -12.58 -14.64
N THR A 321 19.12 -12.59 -14.79
CA THR A 321 19.74 -12.10 -16.02
C THR A 321 19.34 -12.99 -17.19
N SER A 322 19.35 -14.31 -16.98
CA SER A 322 18.96 -15.25 -18.03
C SER A 322 17.49 -15.04 -18.43
N GLU A 323 16.63 -14.93 -17.44
CA GLU A 323 15.21 -14.72 -17.69
C GLU A 323 14.92 -13.40 -18.38
N LEU A 324 15.58 -12.32 -17.98
CA LEU A 324 15.33 -11.02 -18.62
C LEU A 324 15.78 -11.04 -20.09
N LEU A 325 16.96 -11.61 -20.35
CA LEU A 325 17.38 -11.82 -21.74
C LEU A 325 16.39 -12.67 -22.52
N GLY A 326 15.83 -13.70 -21.89
CA GLY A 326 14.83 -14.56 -22.52
C GLY A 326 13.59 -13.78 -22.91
N VAL A 327 13.08 -12.98 -21.98
CA VAL A 327 11.95 -12.09 -22.25
C VAL A 327 12.23 -11.16 -23.43
N MET A 328 13.42 -10.56 -23.41
CA MET A 328 13.83 -9.63 -24.45
C MET A 328 13.96 -10.34 -25.79
N ALA A 329 14.45 -11.57 -25.78
CA ALA A 329 14.61 -12.34 -27.02
C ALA A 329 13.24 -12.60 -27.66
N LYS A 330 12.29 -13.02 -26.84
CA LYS A 330 10.94 -13.37 -27.31
C LYS A 330 10.21 -12.14 -27.83
N LYS A 331 10.51 -10.98 -27.26
CA LYS A 331 9.86 -9.74 -27.64
C LYS A 331 10.65 -8.96 -28.67
N ARG A 332 11.79 -9.51 -29.07
N ARG A 332 11.79 -9.51 -29.08
CA ARG A 332 12.65 -8.90 -30.08
CA ARG A 332 12.65 -8.89 -30.08
C ARG A 332 13.17 -7.52 -29.66
C ARG A 332 13.17 -7.51 -29.66
N TYR A 333 13.73 -7.45 -28.45
CA TYR A 333 14.44 -6.27 -27.97
C TYR A 333 15.92 -6.61 -27.78
N GLN A 334 16.79 -5.68 -28.11
CA GLN A 334 18.23 -5.91 -27.99
C GLN A 334 18.88 -5.18 -26.82
N THR A 335 18.27 -4.07 -26.40
CA THR A 335 18.82 -3.26 -25.30
C THR A 335 17.67 -2.77 -24.42
N LEU A 336 18.01 -2.37 -23.20
CA LEU A 336 17.01 -1.84 -22.28
C LEU A 336 16.47 -0.47 -22.69
N ASP A 337 17.33 0.34 -23.33
CA ASP A 337 16.94 1.66 -23.85
C ASP A 337 15.74 1.59 -24.79
N GLU A 338 15.58 0.44 -25.44
CA GLU A 338 14.53 0.32 -26.45
C GLU A 338 13.12 0.30 -25.86
N PHE A 339 13.00 -0.01 -24.58
CA PHE A 339 11.67 -0.03 -23.97
C PHE A 339 11.55 0.63 -22.60
N ARG A 340 12.66 1.14 -22.07
N ARG A 340 12.66 1.12 -22.06
CA ARG A 340 12.59 1.82 -20.77
CA ARG A 340 12.59 1.79 -20.75
C ARG A 340 11.60 2.98 -20.80
C ARG A 340 11.62 2.97 -20.78
N GLY A 341 10.63 2.95 -19.90
CA GLY A 341 9.65 4.03 -19.79
C GLY A 341 8.59 4.03 -20.86
N LYS A 342 8.57 3.00 -21.70
CA LYS A 342 7.67 3.03 -22.87
C LYS A 342 6.33 2.34 -22.70
N VAL A 343 5.94 2.09 -21.44
CA VAL A 343 4.63 1.49 -21.17
C VAL A 343 3.54 2.26 -21.91
N ARG A 344 2.70 1.53 -22.65
CA ARG A 344 1.59 2.14 -23.39
C ARG A 344 0.36 2.44 -22.53
N THR A 345 -0.13 3.67 -22.61
CA THR A 345 -1.40 4.02 -21.99
C THR A 345 -2.55 3.92 -22.99
N LEU A 346 -3.77 3.88 -22.48
CA LEU A 346 -4.95 3.63 -23.32
C LEU A 346 -5.75 4.91 -23.52
N GLY B 33 -22.52 -28.55 19.16
CA GLY B 33 -22.68 -27.17 19.71
C GLY B 33 -23.35 -26.22 18.75
N SER B 34 -24.30 -25.44 19.25
CA SER B 34 -25.02 -24.47 18.42
C SER B 34 -24.21 -23.19 18.24
N MET B 35 -24.01 -22.82 17.00
CA MET B 35 -23.17 -21.68 16.66
C MET B 35 -24.02 -20.61 16.00
N SER B 36 -23.52 -19.38 16.00
CA SER B 36 -24.27 -18.25 15.47
C SER B 36 -23.34 -17.21 14.88
N LEU B 37 -23.70 -16.70 13.71
CA LEU B 37 -22.96 -15.60 13.11
C LEU B 37 -23.63 -14.25 13.40
N GLN B 38 -24.64 -14.23 14.27
CA GLN B 38 -25.36 -13.01 14.56
C GLN B 38 -24.48 -11.85 15.02
N VAL B 39 -24.81 -10.65 14.56
CA VAL B 39 -24.15 -9.43 14.98
C VAL B 39 -25.23 -8.45 15.43
N ASN B 40 -24.97 -7.74 16.52
CA ASN B 40 -25.89 -6.72 17.01
C ASN B 40 -25.22 -5.38 17.17
N LEU B 41 -25.70 -4.39 16.42
CA LEU B 41 -25.15 -3.05 16.49
C LEU B 41 -26.14 -2.03 15.97
N LEU B 42 -26.00 -0.79 16.44
CA LEU B 42 -26.86 0.34 16.08
C LEU B 42 -28.34 -0.01 16.05
N ASN B 43 -28.83 -0.55 17.17
CA ASN B 43 -30.24 -0.92 17.32
C ASN B 43 -30.74 -1.92 16.28
N ASN B 44 -29.83 -2.69 15.69
CA ASN B 44 -30.19 -3.69 14.70
C ASN B 44 -29.62 -5.07 14.98
N THR B 45 -30.27 -6.09 14.42
CA THR B 45 -29.78 -7.46 14.45
C THR B 45 -29.45 -7.92 13.03
N PHE B 46 -28.25 -8.45 12.85
CA PHE B 46 -27.82 -8.93 11.55
C PHE B 46 -27.61 -10.43 11.63
N ALA B 47 -28.10 -11.17 10.65
CA ALA B 47 -28.01 -12.63 10.67
C ALA B 47 -26.57 -13.14 10.59
N ASN B 48 -25.72 -12.37 9.92
CA ASN B 48 -24.32 -12.71 9.76
C ASN B 48 -23.59 -11.42 9.40
N PRO B 49 -22.24 -11.41 9.50
CA PRO B 49 -21.51 -10.16 9.32
C PRO B 49 -21.30 -9.71 7.87
N PHE B 50 -21.69 -10.54 6.90
CA PHE B 50 -21.31 -10.28 5.51
C PHE B 50 -22.22 -9.28 4.80
N MET B 51 -21.60 -8.43 4.00
CA MET B 51 -22.33 -7.52 3.12
C MET B 51 -21.44 -7.21 1.92
N ASN B 52 -21.99 -6.57 0.90
CA ASN B 52 -21.13 -6.15 -0.19
C ASN B 52 -20.29 -4.94 0.24
N ALA B 53 -19.18 -4.72 -0.45
CA ALA B 53 -18.46 -3.46 -0.35
C ALA B 53 -19.18 -2.42 -1.20
N ALA B 54 -19.20 -1.17 -0.76
CA ALA B 54 -19.86 -0.13 -1.54
C ALA B 54 -19.21 -0.08 -2.91
N GLY B 55 -20.01 0.15 -3.93
CA GLY B 55 -19.44 0.15 -5.29
C GLY B 55 -19.56 -1.17 -6.02
N VAL B 56 -19.66 -2.29 -5.28
CA VAL B 56 -19.74 -3.59 -5.93
C VAL B 56 -21.14 -4.17 -5.89
N MET B 57 -21.68 -4.41 -7.08
CA MET B 57 -22.98 -5.05 -7.25
C MET B 57 -24.11 -4.38 -6.47
N CYS B 58 -24.21 -3.06 -6.58
CA CYS B 58 -25.17 -2.32 -5.77
C CYS B 58 -25.59 -0.99 -6.39
N THR B 59 -25.53 -0.91 -7.72
CA THR B 59 -25.82 0.35 -8.40
C THR B 59 -27.27 0.44 -8.90
N THR B 60 -27.78 -0.66 -9.45
CA THR B 60 -29.12 -0.68 -10.04
C THR B 60 -30.15 -1.28 -9.10
N THR B 61 -31.43 -1.08 -9.41
CA THR B 61 -32.50 -1.69 -8.64
C THR B 61 -32.33 -3.21 -8.61
N GLU B 62 -32.02 -3.78 -9.77
CA GLU B 62 -31.84 -5.22 -9.92
C GLU B 62 -30.72 -5.73 -9.00
N GLU B 63 -29.63 -4.97 -8.92
CA GLU B 63 -28.53 -5.35 -8.03
C GLU B 63 -28.90 -5.24 -6.56
N LEU B 64 -29.59 -4.17 -6.21
CA LEU B 64 -30.00 -3.98 -4.82
C LEU B 64 -30.95 -5.08 -4.36
N VAL B 65 -31.88 -5.46 -5.24
CA VAL B 65 -32.80 -6.55 -4.94
C VAL B 65 -32.07 -7.88 -4.80
N ALA B 66 -31.13 -8.14 -5.71
CA ALA B 66 -30.29 -9.36 -5.66
C ALA B 66 -29.51 -9.42 -4.36
N MET B 67 -28.94 -8.29 -3.93
CA MET B 67 -28.23 -8.29 -2.64
C MET B 67 -29.17 -8.57 -1.48
N THR B 68 -30.38 -8.02 -1.54
CA THR B 68 -31.38 -8.23 -0.49
C THR B 68 -31.84 -9.69 -0.43
N GLU B 69 -31.99 -10.32 -1.60
CA GLU B 69 -32.40 -11.72 -1.67
C GLU B 69 -31.28 -12.71 -1.35
N SER B 70 -30.04 -12.23 -1.37
CA SER B 70 -28.88 -13.08 -1.07
C SER B 70 -28.83 -13.48 0.41
N ALA B 71 -27.88 -14.37 0.71
CA ALA B 71 -27.64 -14.81 2.08
C ALA B 71 -26.86 -13.82 2.93
N SER B 72 -26.50 -12.66 2.38
CA SER B 72 -25.75 -11.66 3.14
C SER B 72 -26.51 -11.15 4.37
N GLY B 73 -25.76 -10.75 5.41
CA GLY B 73 -26.35 -10.11 6.58
C GLY B 73 -26.87 -8.69 6.33
N SER B 74 -26.25 -7.99 5.39
CA SER B 74 -26.70 -6.63 5.04
C SER B 74 -26.24 -6.31 3.61
N LEU B 75 -26.41 -5.04 3.24
CA LEU B 75 -25.98 -4.54 1.94
C LEU B 75 -25.81 -3.05 2.07
N VAL B 76 -25.03 -2.46 1.18
CA VAL B 76 -24.83 -1.02 1.12
C VAL B 76 -25.02 -0.56 -0.33
N SER B 77 -25.73 0.54 -0.54
CA SER B 77 -25.95 1.00 -1.92
C SER B 77 -24.73 1.75 -2.45
N LYS B 78 -24.59 1.82 -3.77
CA LYS B 78 -23.45 2.47 -4.44
C LYS B 78 -23.24 3.90 -3.96
N SER B 79 -21.99 4.26 -3.66
CA SER B 79 -21.67 5.60 -3.22
C SER B 79 -22.25 6.61 -4.19
N CYS B 80 -23.03 7.53 -3.65
CA CYS B 80 -23.79 8.44 -4.51
C CYS B 80 -23.35 9.89 -4.45
N THR B 81 -23.65 10.59 -5.54
CA THR B 81 -23.48 12.03 -5.64
C THR B 81 -24.89 12.63 -5.76
N PRO B 82 -25.03 13.96 -5.62
CA PRO B 82 -26.38 14.53 -5.65
C PRO B 82 -27.14 14.22 -6.94
N ALA B 83 -26.44 14.26 -8.07
CA ALA B 83 -27.02 13.90 -9.36
C ALA B 83 -26.33 12.67 -9.95
N LEU B 84 -26.96 12.02 -10.92
CA LEU B 84 -26.34 10.89 -11.58
C LEU B 84 -24.97 11.23 -12.20
N ARG B 85 -24.10 10.23 -12.29
CA ARG B 85 -22.76 10.37 -12.85
C ARG B 85 -22.49 9.18 -13.73
N GLU B 86 -21.95 9.46 -14.92
CA GLU B 86 -21.54 8.44 -15.87
C GLU B 86 -20.31 7.64 -15.43
N GLY B 87 -19.42 8.29 -14.68
CA GLY B 87 -18.16 7.66 -14.33
C GLY B 87 -17.13 7.80 -15.45
N ASN B 88 -16.00 7.12 -15.28
CA ASN B 88 -14.87 7.26 -16.17
C ASN B 88 -15.01 6.42 -17.44
N PRO B 89 -14.21 6.74 -18.48
CA PRO B 89 -14.21 5.91 -19.68
C PRO B 89 -13.72 4.50 -19.44
N THR B 90 -14.22 3.55 -20.22
CA THR B 90 -13.85 2.14 -20.10
C THR B 90 -12.69 1.82 -21.03
N PRO B 91 -11.93 0.76 -20.73
CA PRO B 91 -12.06 -0.12 -19.56
C PRO B 91 -11.65 0.61 -18.28
N ARG B 92 -12.41 0.38 -17.22
CA ARG B 92 -12.15 1.05 -15.93
C ARG B 92 -12.07 0.06 -14.76
N TYR B 93 -12.23 -1.23 -15.04
CA TYR B 93 -12.06 -2.30 -14.05
C TYR B 93 -11.34 -3.46 -14.73
N GLN B 94 -10.40 -4.10 -14.02
CA GLN B 94 -9.73 -5.29 -14.53
C GLN B 94 -9.52 -6.28 -13.40
N ALA B 95 -10.06 -7.47 -13.55
CA ALA B 95 -9.80 -8.57 -12.62
C ALA B 95 -8.39 -9.10 -12.85
N LEU B 96 -7.74 -9.53 -11.77
CA LEU B 96 -6.35 -9.95 -11.79
C LEU B 96 -6.17 -11.24 -10.97
N PRO B 97 -5.11 -12.00 -11.26
CA PRO B 97 -4.81 -13.19 -10.46
C PRO B 97 -4.81 -12.92 -8.96
N LEU B 98 -4.26 -11.78 -8.56
CA LEU B 98 -4.17 -11.44 -7.14
C LEU B 98 -5.18 -10.39 -6.69
N GLY B 99 -6.16 -10.04 -7.53
CA GLY B 99 -7.19 -9.12 -7.05
C GLY B 99 -7.88 -8.35 -8.16
N SER B 100 -7.80 -7.02 -8.10
CA SER B 100 -8.44 -6.18 -9.11
C SER B 100 -7.80 -4.80 -9.10
N ILE B 101 -7.94 -4.09 -10.21
CA ILE B 101 -7.59 -2.66 -10.26
C ILE B 101 -8.77 -1.94 -10.89
N ASN B 102 -9.08 -0.75 -10.37
CA ASN B 102 -10.17 0.03 -10.96
C ASN B 102 -9.97 1.53 -10.85
N SER B 103 -10.56 2.24 -11.81
CA SER B 103 -10.76 3.67 -11.68
C SER B 103 -12.17 3.99 -12.17
N MET B 104 -13.18 3.57 -11.40
CA MET B 104 -14.57 3.68 -11.85
C MET B 104 -15.03 5.11 -12.07
N GLY B 105 -14.62 6.02 -11.18
CA GLY B 105 -15.03 7.42 -11.29
C GLY B 105 -16.42 7.73 -10.77
N LEU B 106 -16.85 6.98 -9.75
CA LEU B 106 -18.16 7.17 -9.11
C LEU B 106 -19.38 7.15 -10.03
N PRO B 107 -19.46 6.16 -10.93
CA PRO B 107 -20.70 6.05 -11.72
C PRO B 107 -21.83 5.64 -10.77
N ASN B 108 -22.92 6.40 -10.76
CA ASN B 108 -24.02 6.11 -9.84
C ASN B 108 -25.31 6.77 -10.31
N ASN B 109 -26.43 6.25 -9.84
CA ASN B 109 -27.74 6.76 -10.28
C ASN B 109 -28.18 8.06 -9.61
N GLY B 110 -27.38 8.58 -8.70
CA GLY B 110 -27.71 9.83 -8.02
C GLY B 110 -28.47 9.59 -6.72
N PHE B 111 -28.35 10.55 -5.81
CA PHE B 111 -28.93 10.43 -4.48
C PHE B 111 -30.44 10.17 -4.47
N ASP B 112 -31.21 10.86 -5.31
CA ASP B 112 -32.66 10.65 -5.26
C ASP B 112 -33.02 9.19 -5.47
N PHE B 113 -32.30 8.52 -6.36
CA PHE B 113 -32.53 7.12 -6.65
C PHE B 113 -32.30 6.24 -5.42
N TYR B 114 -31.16 6.43 -4.75
CA TYR B 114 -30.84 5.57 -3.60
C TYR B 114 -31.72 5.90 -2.39
N LEU B 115 -32.07 7.17 -2.25
CA LEU B 115 -33.00 7.58 -1.20
C LEU B 115 -34.37 6.94 -1.40
N ALA B 116 -34.86 6.94 -2.64
CA ALA B 116 -36.15 6.31 -2.94
C ALA B 116 -36.12 4.80 -2.69
N TYR B 117 -35.03 4.14 -3.02
CA TYR B 117 -34.89 2.73 -2.70
C TYR B 117 -35.02 2.53 -1.19
N ALA B 118 -34.29 3.33 -0.41
CA ALA B 118 -34.33 3.19 1.05
C ALA B 118 -35.71 3.52 1.62
N ALA B 119 -36.35 4.54 1.05
CA ALA B 119 -37.62 5.06 1.57
C ALA B 119 -38.83 4.20 1.23
N GLU B 120 -38.83 3.63 0.04
CA GLU B 120 -40.04 3.06 -0.54
C GLU B 120 -39.95 1.58 -0.97
N GLN B 121 -38.75 1.08 -1.25
CA GLN B 121 -38.62 -0.24 -1.87
C GLN B 121 -37.95 -1.32 -1.03
N HIS B 122 -36.93 -0.94 -0.26
CA HIS B 122 -36.17 -1.94 0.46
C HIS B 122 -36.99 -2.68 1.47
N ASP B 123 -36.81 -4.00 1.49
CA ASP B 123 -37.48 -4.90 2.41
C ASP B 123 -36.67 -5.04 3.69
N TYR B 124 -36.93 -4.17 4.65
CA TYR B 124 -36.21 -4.15 5.92
C TYR B 124 -36.53 -5.37 6.77
N GLY B 125 -37.62 -6.05 6.42
CA GLY B 125 -37.94 -7.34 7.05
C GLY B 125 -36.91 -8.41 6.72
N LYS B 126 -36.20 -8.23 5.61
CA LYS B 126 -35.20 -9.21 5.22
C LYS B 126 -33.85 -8.91 5.88
N LYS B 127 -33.40 -7.66 5.79
CA LYS B 127 -32.11 -7.26 6.38
C LYS B 127 -31.97 -5.74 6.43
N PRO B 128 -31.11 -5.22 7.32
CA PRO B 128 -30.86 -3.79 7.37
C PRO B 128 -30.13 -3.31 6.12
N LEU B 129 -30.26 -2.01 5.84
CA LEU B 129 -29.67 -1.35 4.67
C LEU B 129 -28.78 -0.20 5.06
N PHE B 130 -27.60 -0.14 4.44
CA PHE B 130 -26.72 1.01 4.54
C PHE B 130 -26.79 1.78 3.21
N LEU B 131 -26.67 3.10 3.29
CA LEU B 131 -26.60 3.94 2.10
C LEU B 131 -25.23 4.62 2.08
N SER B 132 -24.44 4.42 1.03
CA SER B 132 -23.12 5.05 0.93
C SER B 132 -23.25 6.39 0.22
N MET B 133 -22.65 7.42 0.80
CA MET B 133 -22.76 8.78 0.28
C MET B 133 -21.36 9.31 -0.04
N SER B 134 -21.17 9.85 -1.23
CA SER B 134 -19.86 10.35 -1.63
C SER B 134 -19.96 11.67 -2.38
N GLY B 135 -20.54 12.67 -1.73
CA GLY B 135 -20.55 14.01 -2.32
C GLY B 135 -19.15 14.55 -2.54
N LEU B 136 -19.04 15.51 -3.46
CA LEU B 136 -17.74 16.01 -3.87
C LEU B 136 -17.41 17.37 -3.24
N SER B 137 -18.24 17.79 -2.29
CA SER B 137 -17.95 18.96 -1.48
C SER B 137 -18.68 18.82 -0.15
N MET B 138 -18.39 19.69 0.80
CA MET B 138 -19.17 19.71 2.04
C MET B 138 -20.63 20.05 1.79
N ARG B 139 -20.88 21.07 0.98
CA ARG B 139 -22.25 21.45 0.64
C ARG B 139 -23.06 20.28 0.06
N GLU B 140 -22.43 19.49 -0.80
CA GLU B 140 -23.11 18.36 -1.41
C GLU B 140 -23.54 17.35 -0.34
N ASN B 141 -22.62 17.01 0.55
CA ASN B 141 -22.96 16.07 1.60
C ASN B 141 -23.97 16.63 2.58
N VAL B 142 -23.83 17.90 2.92
CA VAL B 142 -24.76 18.54 3.85
C VAL B 142 -26.19 18.50 3.29
N GLU B 143 -26.35 18.87 2.03
CA GLU B 143 -27.69 18.87 1.44
C GLU B 143 -28.29 17.47 1.32
N MET B 144 -27.47 16.47 1.00
CA MET B 144 -27.99 15.12 0.93
C MET B 144 -28.39 14.63 2.33
N CYS B 145 -27.57 14.94 3.33
CA CYS B 145 -27.83 14.46 4.68
C CYS B 145 -29.11 15.07 5.26
N LYS B 146 -29.35 16.34 4.96
CA LYS B 146 -30.60 16.98 5.41
C LYS B 146 -31.82 16.20 4.93
N ARG B 147 -31.78 15.69 3.69
CA ARG B 147 -32.88 14.93 3.13
C ARG B 147 -32.90 13.47 3.60
N LEU B 148 -31.72 12.91 3.88
CA LEU B 148 -31.63 11.54 4.36
C LEU B 148 -32.18 11.39 5.77
N ALA B 149 -32.05 12.44 6.59
CA ALA B 149 -32.45 12.39 8.00
C ALA B 149 -33.83 11.78 8.24
N ALA B 150 -34.85 12.28 7.55
CA ALA B 150 -36.20 11.76 7.74
C ALA B 150 -36.37 10.29 7.38
N VAL B 151 -35.65 9.83 6.35
CA VAL B 151 -35.76 8.44 5.91
C VAL B 151 -35.04 7.51 6.89
N ALA B 152 -33.91 7.98 7.41
CA ALA B 152 -33.22 7.26 8.47
C ALA B 152 -34.14 7.10 9.69
N THR B 153 -34.83 8.17 10.05
CA THR B 153 -35.77 8.13 11.18
C THR B 153 -36.92 7.17 10.91
N GLU B 154 -37.55 7.32 9.75
CA GLU B 154 -38.77 6.55 9.46
C GLU B 154 -38.52 5.09 9.09
N LYS B 155 -37.44 4.82 8.36
CA LYS B 155 -37.23 3.50 7.80
C LYS B 155 -36.03 2.75 8.38
N GLY B 156 -35.05 3.46 8.92
CA GLY B 156 -33.92 2.83 9.58
C GLY B 156 -32.65 2.65 8.76
N VAL B 157 -32.63 3.18 7.54
CA VAL B 157 -31.41 3.16 6.72
C VAL B 157 -30.26 3.84 7.48
N ILE B 158 -29.05 3.30 7.33
CA ILE B 158 -27.87 3.79 8.03
C ILE B 158 -26.85 4.36 7.04
N LEU B 159 -26.37 5.57 7.31
CA LEU B 159 -25.39 6.25 6.46
C LEU B 159 -23.98 5.66 6.61
N GLU B 160 -23.34 5.33 5.49
CA GLU B 160 -21.89 5.14 5.45
C GLU B 160 -21.33 6.30 4.62
N LEU B 161 -20.68 7.25 5.29
CA LEU B 161 -20.13 8.45 4.63
C LEU B 161 -18.76 8.13 4.07
N ASN B 162 -18.61 8.24 2.75
CA ASN B 162 -17.35 7.93 2.10
C ASN B 162 -16.41 9.12 2.12
N LEU B 163 -15.44 9.11 3.02
CA LEU B 163 -14.45 10.17 3.05
C LEU B 163 -13.17 9.78 2.31
N SER B 164 -13.20 8.61 1.69
CA SER B 164 -12.12 8.20 0.82
C SER B 164 -12.53 8.63 -0.59
N CYS B 165 -12.67 9.95 -0.75
CA CYS B 165 -13.27 10.53 -1.94
C CYS B 165 -12.38 11.64 -2.48
N PRO B 166 -12.54 11.95 -3.79
CA PRO B 166 -11.75 13.03 -4.38
C PRO B 166 -11.94 14.37 -3.69
N ASN B 167 -10.86 15.13 -3.60
CA ASN B 167 -10.83 16.44 -2.97
C ASN B 167 -10.67 17.49 -4.06
N VAL B 168 -10.57 18.75 -3.66
CA VAL B 168 -10.34 19.83 -4.61
C VAL B 168 -9.00 19.64 -5.33
N PRO B 169 -8.85 20.24 -6.52
CA PRO B 169 -7.60 20.09 -7.27
C PRO B 169 -6.38 20.45 -6.41
N GLY B 170 -5.33 19.65 -6.52
CA GLY B 170 -4.09 19.90 -5.80
C GLY B 170 -4.06 19.28 -4.41
N LYS B 171 -5.19 18.73 -3.97
CA LYS B 171 -5.25 18.10 -2.67
C LYS B 171 -5.49 16.60 -2.78
N PRO B 172 -4.96 15.83 -1.82
CA PRO B 172 -5.23 14.40 -1.81
C PRO B 172 -6.65 14.08 -1.40
N GLN B 173 -7.04 12.81 -1.51
CA GLN B 173 -8.39 12.41 -1.10
C GLN B 173 -8.69 12.91 0.29
N VAL B 174 -9.97 13.11 0.59
CA VAL B 174 -10.36 13.82 1.79
C VAL B 174 -9.73 13.25 3.07
N ALA B 175 -9.76 11.93 3.23
CA ALA B 175 -9.22 11.35 4.47
C ALA B 175 -7.69 11.40 4.58
N TYR B 176 -7.02 11.82 3.51
CA TYR B 176 -5.58 12.08 3.55
C TYR B 176 -5.28 13.57 3.83
N ASP B 177 -6.33 14.35 4.03
CA ASP B 177 -6.26 15.79 4.29
C ASP B 177 -6.97 15.99 5.62
N PHE B 178 -6.23 15.94 6.73
CA PHE B 178 -6.89 15.86 8.04
C PHE B 178 -7.79 17.04 8.35
N ASP B 179 -7.42 18.23 7.90
CA ASP B 179 -8.28 19.40 8.11
C ASP B 179 -9.59 19.28 7.32
N ALA B 180 -9.50 18.89 6.05
CA ALA B 180 -10.70 18.67 5.26
C ALA B 180 -11.57 17.58 5.88
N MET B 181 -10.95 16.52 6.38
CA MET B 181 -11.72 15.45 7.03
C MET B 181 -12.47 15.98 8.26
N ARG B 182 -11.76 16.72 9.10
CA ARG B 182 -12.39 17.26 10.31
C ARG B 182 -13.54 18.19 9.94
N GLN B 183 -13.31 19.04 8.94
CA GLN B 183 -14.35 19.97 8.52
C GLN B 183 -15.56 19.25 7.94
N CYS B 184 -15.38 18.23 7.21
CA CYS B 184 -16.44 17.38 6.71
C CYS B 184 -17.19 16.78 7.83
N LEU B 185 -16.63 16.19 8.80
CA LEU B 185 -17.38 15.56 9.92
C LEU B 185 -18.12 16.59 10.77
N THR B 186 -17.53 17.77 10.92
CA THR B 186 -18.23 18.86 11.60
C THR B 186 -19.49 19.27 10.83
N ALA B 187 -19.35 19.46 9.51
CA ALA B 187 -20.47 19.88 8.67
C ALA B 187 -21.61 18.87 8.67
N VAL B 188 -21.29 17.58 8.53
CA VAL B 188 -22.30 16.53 8.53
C VAL B 188 -22.93 16.35 9.91
N SER B 189 -22.10 16.32 10.96
CA SER B 189 -22.61 16.16 12.32
C SER B 189 -23.61 17.24 12.69
N GLU B 190 -23.36 18.47 12.24
CA GLU B 190 -24.24 19.61 12.49
C GLU B 190 -25.67 19.44 11.98
N VAL B 191 -25.82 18.74 10.86
CA VAL B 191 -27.11 18.67 10.17
C VAL B 191 -27.76 17.30 10.16
N TYR B 192 -27.02 16.27 10.57
CA TYR B 192 -27.49 14.90 10.50
C TYR B 192 -27.72 14.34 11.90
N PRO B 193 -28.99 14.21 12.32
CA PRO B 193 -29.29 13.84 13.71
C PRO B 193 -29.34 12.33 13.92
N HIS B 194 -28.35 11.62 13.39
CA HIS B 194 -28.26 10.17 13.58
C HIS B 194 -26.82 9.76 13.65
N SER B 195 -26.58 8.58 14.20
CA SER B 195 -25.28 7.93 14.10
C SER B 195 -25.02 7.62 12.64
N PHE B 196 -23.74 7.54 12.28
CA PHE B 196 -23.35 7.09 10.95
C PHE B 196 -21.97 6.45 11.01
N GLY B 197 -21.51 5.92 9.88
CA GLY B 197 -20.15 5.41 9.79
C GLY B 197 -19.37 6.15 8.73
N VAL B 198 -18.06 5.92 8.71
CA VAL B 198 -17.19 6.56 7.72
C VAL B 198 -16.33 5.51 7.03
N LYS B 199 -16.33 5.51 5.69
CA LYS B 199 -15.44 4.66 4.91
C LYS B 199 -14.08 5.33 4.73
N MET B 200 -13.01 4.64 5.11
CA MET B 200 -11.67 5.22 5.15
C MET B 200 -10.69 4.57 4.18
N PRO B 201 -9.75 5.35 3.65
CA PRO B 201 -8.64 4.77 2.90
C PRO B 201 -7.67 4.13 3.89
N PRO B 202 -6.78 3.25 3.38
CA PRO B 202 -5.74 2.73 4.26
C PRO B 202 -4.71 3.78 4.63
N TYR B 203 -4.20 3.71 5.86
CA TYR B 203 -2.96 4.41 6.22
C TYR B 203 -1.83 3.41 6.44
N PHE B 204 -0.61 3.93 6.48
CA PHE B 204 0.61 3.13 6.38
C PHE B 204 1.68 3.52 7.41
N ASP B 205 1.26 4.27 8.42
CA ASP B 205 2.18 4.81 9.42
C ASP B 205 1.40 5.03 10.72
N PHE B 206 2.02 4.67 11.85
CA PHE B 206 1.36 4.78 13.15
C PHE B 206 1.00 6.24 13.45
N ALA B 207 1.81 7.19 12.99
CA ALA B 207 1.49 8.61 13.21
C ALA B 207 0.18 8.99 12.52
N HIS B 208 -0.06 8.38 11.37
CA HIS B 208 -1.33 8.61 10.67
C HIS B 208 -2.49 7.88 11.29
N PHE B 209 -2.28 6.65 11.78
CA PHE B 209 -3.31 5.98 12.54
C PHE B 209 -3.72 6.85 13.74
N ASP B 210 -2.74 7.37 14.45
CA ASP B 210 -3.02 8.25 15.60
C ASP B 210 -3.80 9.50 15.24
N ALA B 211 -3.34 10.22 14.22
CA ALA B 211 -3.97 11.47 13.80
C ALA B 211 -5.41 11.25 13.35
N ALA B 212 -5.61 10.23 12.52
CA ALA B 212 -6.93 9.91 12.04
C ALA B 212 -7.88 9.51 13.18
N ALA B 213 -7.39 8.67 14.08
CA ALA B 213 -8.21 8.20 15.20
C ALA B 213 -8.59 9.37 16.10
N GLU B 214 -7.66 10.29 16.30
CA GLU B 214 -7.92 11.47 17.13
C GLU B 214 -9.09 12.29 16.59
N ILE B 215 -9.08 12.51 15.28
CA ILE B 215 -10.18 13.23 14.63
C ILE B 215 -11.50 12.45 14.74
N LEU B 216 -11.47 11.16 14.41
CA LEU B 216 -12.70 10.37 14.47
C LEU B 216 -13.29 10.29 15.88
N ASN B 217 -12.43 10.20 16.89
CA ASN B 217 -12.91 10.14 18.27
C ASN B 217 -13.61 11.41 18.74
N GLU B 218 -13.33 12.53 18.07
CA GLU B 218 -13.98 13.83 18.36
C GLU B 218 -15.45 13.82 17.97
N PHE B 219 -15.85 12.86 17.14
CA PHE B 219 -17.20 12.81 16.60
C PHE B 219 -17.94 11.56 17.06
N PRO B 220 -18.67 11.66 18.18
CA PRO B 220 -19.32 10.46 18.69
C PRO B 220 -20.42 9.92 17.78
N LYS B 221 -20.97 10.77 16.91
CA LYS B 221 -21.93 10.26 15.92
C LYS B 221 -21.32 9.24 14.97
N VAL B 222 -20.00 9.29 14.78
CA VAL B 222 -19.32 8.27 13.98
C VAL B 222 -19.23 7.02 14.85
N GLN B 223 -20.18 6.13 14.65
CA GLN B 223 -20.25 4.93 15.48
C GLN B 223 -19.59 3.71 14.84
N PHE B 224 -19.30 3.77 13.54
CA PHE B 224 -18.46 2.74 12.92
C PHE B 224 -17.50 3.34 11.92
N ILE B 225 -16.40 2.64 11.71
CA ILE B 225 -15.37 3.02 10.74
C ILE B 225 -15.18 1.81 9.83
N THR B 226 -15.30 2.02 8.53
CA THR B 226 -15.06 0.93 7.59
C THR B 226 -13.64 1.03 7.02
N CYS B 227 -12.84 0.00 7.32
CA CYS B 227 -11.44 -0.07 6.90
C CYS B 227 -11.35 -1.32 6.03
N ILE B 228 -11.06 -1.23 4.73
CA ILE B 228 -10.53 -0.06 4.03
C ILE B 228 -11.11 0.04 2.61
N ASN B 229 -11.02 1.24 2.06
N ASN B 229 -11.01 1.25 2.05
CA ASN B 229 -11.14 1.43 0.62
CA ASN B 229 -11.14 1.44 0.62
C ASN B 229 -9.89 0.85 -0.04
C ASN B 229 -9.88 0.88 -0.04
N SER B 230 -9.87 0.86 -1.37
CA SER B 230 -8.74 0.33 -2.11
C SER B 230 -7.39 0.89 -1.70
N ILE B 231 -6.32 0.12 -1.95
CA ILE B 231 -4.98 0.71 -1.89
C ILE B 231 -4.82 1.60 -3.13
N GLY B 232 -4.67 2.90 -2.93
CA GLY B 232 -4.81 3.86 -4.04
C GLY B 232 -3.71 3.82 -5.06
N ASN B 233 -4.10 4.06 -6.31
CA ASN B 233 -3.13 4.38 -7.35
C ASN B 233 -1.99 3.39 -7.55
N GLY B 234 -2.35 2.12 -7.58
CA GLY B 234 -1.46 1.10 -8.14
C GLY B 234 -1.43 1.20 -9.66
N LEU B 235 -0.47 0.52 -10.26
CA LEU B 235 -0.34 0.53 -11.73
C LEU B 235 -0.07 -0.90 -12.18
N VAL B 236 -1.04 -1.49 -12.86
CA VAL B 236 -0.86 -2.82 -13.43
C VAL B 236 -0.38 -2.68 -14.87
N ILE B 237 0.65 -3.43 -15.22
CA ILE B 237 1.17 -3.46 -16.59
C ILE B 237 1.11 -4.92 -17.06
N ASP B 238 0.55 -5.10 -18.25
CA ASP B 238 0.45 -6.41 -18.91
C ASP B 238 1.73 -6.62 -19.71
N ALA B 239 2.52 -7.61 -19.32
CA ALA B 239 3.80 -7.85 -19.96
C ALA B 239 3.64 -8.22 -21.43
N GLU B 240 2.55 -8.90 -21.75
CA GLU B 240 2.30 -9.34 -23.13
C GLU B 240 2.00 -8.15 -24.04
N THR B 241 1.14 -7.25 -23.58
CA THR B 241 0.74 -6.09 -24.40
C THR B 241 1.65 -4.89 -24.19
N GLU B 242 2.51 -4.93 -23.18
CA GLU B 242 3.39 -3.80 -22.84
C GLU B 242 2.59 -2.53 -22.57
N SER B 243 1.43 -2.71 -21.94
CA SER B 243 0.53 -1.59 -21.72
C SER B 243 -0.12 -1.70 -20.34
N VAL B 244 -0.70 -0.58 -19.91
CA VAL B 244 -1.58 -0.59 -18.75
C VAL B 244 -2.88 -1.32 -19.10
N VAL B 245 -3.77 -1.51 -18.12
CA VAL B 245 -4.96 -2.32 -18.33
C VAL B 245 -6.28 -1.58 -18.13
N ILE B 246 -6.19 -0.35 -17.62
CA ILE B 246 -7.37 0.51 -17.55
C ILE B 246 -7.07 1.85 -18.21
N LYS B 247 -8.14 2.51 -18.70
CA LYS B 247 -8.00 3.73 -19.49
C LYS B 247 -7.81 5.03 -18.69
N PRO B 248 -8.60 5.26 -17.63
CA PRO B 248 -8.43 6.51 -16.92
C PRO B 248 -7.06 6.69 -16.28
N LYS B 249 -6.64 7.94 -16.12
CA LYS B 249 -5.51 8.30 -15.26
C LYS B 249 -4.24 7.52 -15.61
N GLN B 250 -3.99 7.34 -16.90
CA GLN B 250 -2.75 6.71 -17.36
C GLN B 250 -2.56 5.30 -16.81
N GLY B 251 -3.66 4.64 -16.46
CA GLY B 251 -3.63 3.26 -15.99
C GLY B 251 -3.56 3.08 -14.49
N PHE B 252 -3.48 4.19 -13.76
CA PHE B 252 -3.38 4.14 -12.30
C PHE B 252 -4.79 3.91 -11.73
N GLY B 253 -4.89 3.05 -10.70
CA GLY B 253 -6.20 2.82 -10.11
C GLY B 253 -6.11 2.13 -8.77
N GLY B 254 -7.23 2.05 -8.06
CA GLY B 254 -7.25 1.40 -6.75
C GLY B 254 -7.14 -0.09 -6.83
N LEU B 255 -6.32 -0.66 -5.93
CA LEU B 255 -6.15 -2.12 -5.85
C LEU B 255 -7.10 -2.73 -4.82
N GLY B 256 -7.66 -3.87 -5.18
CA GLY B 256 -8.47 -4.69 -4.28
C GLY B 256 -8.04 -6.14 -4.33
N GLY B 257 -8.62 -6.94 -3.43
CA GLY B 257 -8.43 -8.39 -3.46
C GLY B 257 -7.23 -8.86 -2.65
N ARG B 258 -6.57 -9.92 -3.12
N ARG B 258 -6.57 -9.92 -3.12
CA ARG B 258 -5.49 -10.52 -2.35
CA ARG B 258 -5.49 -10.53 -2.36
C ARG B 258 -4.38 -9.54 -2.01
C ARG B 258 -4.36 -9.57 -2.02
N TYR B 259 -4.12 -8.58 -2.89
CA TYR B 259 -3.09 -7.57 -2.65
C TYR B 259 -3.26 -6.85 -1.33
N VAL B 260 -4.51 -6.68 -0.89
CA VAL B 260 -4.78 -5.72 0.17
C VAL B 260 -5.05 -6.31 1.54
N LEU B 261 -5.02 -7.64 1.67
CA LEU B 261 -5.47 -8.23 2.94
C LEU B 261 -4.66 -7.79 4.17
N PRO B 262 -3.32 -7.86 4.13
CA PRO B 262 -2.56 -7.41 5.32
C PRO B 262 -2.74 -5.93 5.63
N THR B 263 -2.90 -5.11 4.59
CA THR B 263 -3.15 -3.69 4.79
C THR B 263 -4.52 -3.47 5.45
N ALA B 264 -5.52 -4.22 5.02
CA ALA B 264 -6.86 -4.14 5.60
C ALA B 264 -6.82 -4.56 7.07
N LEU B 265 -6.23 -5.72 7.34
CA LEU B 265 -6.11 -6.21 8.71
C LEU B 265 -5.43 -5.18 9.61
N ALA B 266 -4.36 -4.56 9.11
CA ALA B 266 -3.63 -3.55 9.87
C ALA B 266 -4.53 -2.37 10.22
N ASN B 267 -5.29 -1.89 9.24
CA ASN B 267 -6.14 -0.74 9.49
C ASN B 267 -7.31 -1.11 10.42
N ILE B 268 -7.90 -2.27 10.19
CA ILE B 268 -8.97 -2.74 11.07
C ILE B 268 -8.45 -2.76 12.50
N ASN B 269 -7.28 -3.36 12.71
CA ASN B 269 -6.81 -3.49 14.08
C ASN B 269 -6.34 -2.16 14.66
N ALA B 270 -5.71 -1.33 13.83
CA ALA B 270 -5.22 -0.04 14.30
C ALA B 270 -6.36 0.82 14.84
N PHE B 271 -7.47 0.85 14.12
CA PHE B 271 -8.62 1.65 14.56
C PHE B 271 -9.43 0.93 15.63
N TYR B 272 -9.43 -0.40 15.61
CA TYR B 272 -10.07 -1.15 16.71
C TYR B 272 -9.43 -0.75 18.04
N ARG B 273 -8.10 -0.66 18.04
CA ARG B 273 -7.34 -0.29 19.23
C ARG B 273 -7.53 1.17 19.61
N ARG B 274 -7.52 2.06 18.63
CA ARG B 274 -7.46 3.49 18.91
C ARG B 274 -8.82 4.16 19.08
N CYS B 275 -9.88 3.48 18.63
CA CYS B 275 -11.24 4.01 18.74
C CYS B 275 -12.13 3.05 19.51
N PRO B 276 -11.89 2.89 20.82
CA PRO B 276 -12.59 1.86 21.59
C PRO B 276 -14.09 2.13 21.74
N GLY B 277 -14.50 3.36 21.44
CA GLY B 277 -15.90 3.74 21.54
C GLY B 277 -16.70 3.48 20.29
N LYS B 278 -16.03 2.96 19.27
CA LYS B 278 -16.64 2.68 17.97
C LYS B 278 -16.51 1.22 17.54
N LEU B 279 -17.30 0.84 16.53
CA LEU B 279 -17.18 -0.46 15.89
C LEU B 279 -16.36 -0.29 14.62
N ILE B 280 -15.72 -1.36 14.19
CA ILE B 280 -14.98 -1.38 12.91
C ILE B 280 -15.68 -2.32 11.95
N PHE B 281 -15.85 -1.91 10.70
CA PHE B 281 -16.31 -2.82 9.65
C PHE B 281 -15.10 -3.13 8.79
N GLY B 282 -14.84 -4.41 8.52
CA GLY B 282 -13.70 -4.77 7.69
C GLY B 282 -14.07 -4.77 6.23
N CYS B 283 -13.11 -4.38 5.38
CA CYS B 283 -13.29 -4.47 3.95
C CYS B 283 -11.91 -4.60 3.33
N GLY B 284 -11.73 -5.61 2.49
CA GLY B 284 -10.47 -5.80 1.78
C GLY B 284 -9.94 -7.20 1.86
N GLY B 285 -9.82 -7.86 0.70
CA GLY B 285 -9.17 -9.15 0.60
C GLY B 285 -9.97 -10.36 1.03
N VAL B 286 -11.27 -10.22 1.21
CA VAL B 286 -12.09 -11.36 1.67
C VAL B 286 -12.55 -12.23 0.49
N TYR B 287 -12.00 -13.44 0.43
CA TYR B 287 -12.45 -14.44 -0.55
C TYR B 287 -13.03 -15.68 0.12
N THR B 288 -12.68 -15.90 1.39
CA THR B 288 -13.09 -17.13 2.07
C THR B 288 -13.55 -16.85 3.49
N GLY B 289 -14.18 -17.85 4.10
CA GLY B 289 -14.55 -17.77 5.50
C GLY B 289 -13.34 -17.60 6.39
N GLU B 290 -12.22 -18.20 6.02
CA GLU B 290 -10.97 -18.00 6.76
C GLU B 290 -10.52 -16.53 6.73
N ASP B 291 -10.62 -15.90 5.56
CA ASP B 291 -10.27 -14.48 5.48
C ASP B 291 -11.16 -13.64 6.39
N ALA B 292 -12.46 -13.94 6.41
CA ALA B 292 -13.42 -13.25 7.26
C ALA B 292 -13.08 -13.46 8.75
N PHE B 293 -12.66 -14.68 9.07
CA PHE B 293 -12.21 -15.01 10.41
C PHE B 293 -11.08 -14.07 10.83
N LEU B 294 -10.12 -13.83 9.94
CA LEU B 294 -9.02 -12.91 10.21
C LEU B 294 -9.50 -11.47 10.42
N HIS B 295 -10.41 -10.99 9.58
CA HIS B 295 -11.01 -9.68 9.79
C HIS B 295 -11.59 -9.56 11.17
N VAL B 296 -12.34 -10.57 11.59
CA VAL B 296 -12.98 -10.53 12.91
C VAL B 296 -11.94 -10.58 14.04
N LEU B 297 -10.94 -11.43 13.89
N LEU B 297 -10.95 -11.46 13.91
CA LEU B 297 -9.86 -11.50 14.88
CA LEU B 297 -9.85 -11.49 14.88
C LEU B 297 -9.11 -10.17 15.01
C LEU B 297 -9.21 -10.11 15.05
N ALA B 298 -9.02 -9.41 13.93
CA ALA B 298 -8.41 -8.08 13.95
C ALA B 298 -9.31 -7.02 14.61
N GLY B 299 -10.60 -7.30 14.68
CA GLY B 299 -11.54 -6.39 15.31
C GLY B 299 -12.84 -6.11 14.59
N ALA B 300 -13.07 -6.71 13.42
CA ALA B 300 -14.25 -6.38 12.62
C ALA B 300 -15.56 -6.88 13.20
N SER B 301 -16.58 -6.02 13.13
CA SER B 301 -17.96 -6.38 13.43
C SER B 301 -18.69 -6.88 12.18
N MET B 302 -18.74 -6.07 11.13
CA MET B 302 -19.24 -6.52 9.83
C MET B 302 -18.03 -6.72 8.90
N VAL B 303 -18.24 -7.52 7.86
CA VAL B 303 -17.19 -7.88 6.91
C VAL B 303 -17.71 -7.68 5.49
N GLN B 304 -17.11 -6.73 4.78
CA GLN B 304 -17.57 -6.39 3.43
C GLN B 304 -16.75 -7.10 2.37
N VAL B 305 -17.39 -7.43 1.25
CA VAL B 305 -16.76 -8.22 0.20
C VAL B 305 -16.89 -7.47 -1.13
N GLY B 306 -15.76 -7.22 -1.77
CA GLY B 306 -15.69 -6.42 -3.00
C GLY B 306 -15.30 -7.27 -4.19
N THR B 307 -14.02 -7.28 -4.51
CA THR B 307 -13.48 -8.05 -5.64
C THR B 307 -14.06 -9.46 -5.75
N ALA B 308 -14.06 -10.21 -4.65
CA ALA B 308 -14.55 -11.59 -4.73
C ALA B 308 -16.02 -11.68 -5.14
N LEU B 309 -16.82 -10.72 -4.67
CA LEU B 309 -18.23 -10.64 -5.02
C LEU B 309 -18.38 -10.25 -6.49
N GLN B 310 -17.53 -9.34 -6.96
CA GLN B 310 -17.60 -8.94 -8.36
C GLN B 310 -17.37 -10.15 -9.26
N GLU B 311 -16.46 -11.02 -8.84
CA GLU B 311 -16.10 -12.16 -9.68
C GLU B 311 -17.08 -13.34 -9.58
N GLU B 312 -17.79 -13.45 -8.47
CA GLU B 312 -18.59 -14.65 -8.19
C GLU B 312 -20.09 -14.40 -8.13
N GLY B 313 -20.49 -13.16 -7.89
CA GLY B 313 -21.90 -12.84 -7.75
C GLY B 313 -22.42 -13.12 -6.35
N PRO B 314 -23.65 -12.69 -6.05
CA PRO B 314 -24.22 -12.73 -4.69
C PRO B 314 -24.36 -14.14 -4.08
N SER B 315 -24.27 -15.18 -4.90
CA SER B 315 -24.24 -16.54 -4.37
C SER B 315 -23.05 -16.75 -3.45
N ILE B 316 -22.05 -15.87 -3.53
CA ILE B 316 -20.87 -15.96 -2.68
C ILE B 316 -21.23 -15.96 -1.19
N PHE B 317 -22.32 -15.31 -0.82
CA PHE B 317 -22.63 -15.17 0.61
C PHE B 317 -23.05 -16.48 1.26
N GLU B 318 -23.68 -17.34 0.49
CA GLU B 318 -23.98 -18.70 0.94
C GLU B 318 -22.70 -19.46 1.26
N ARG B 319 -21.71 -19.36 0.37
CA ARG B 319 -20.43 -20.02 0.55
C ARG B 319 -19.69 -19.45 1.76
N LEU B 320 -19.71 -18.12 1.88
CA LEU B 320 -18.94 -17.47 2.95
C LEU B 320 -19.51 -17.76 4.34
N THR B 321 -20.83 -17.77 4.47
CA THR B 321 -21.43 -18.11 5.77
C THR B 321 -21.07 -19.54 6.14
N SER B 322 -21.22 -20.46 5.19
CA SER B 322 -20.88 -21.86 5.42
C SER B 322 -19.41 -22.02 5.82
N GLU B 323 -18.52 -21.33 5.12
CA GLU B 323 -17.09 -21.44 5.40
C GLU B 323 -16.72 -20.86 6.76
N LEU B 324 -17.30 -19.72 7.12
CA LEU B 324 -16.99 -19.08 8.40
C LEU B 324 -17.48 -19.95 9.56
N LEU B 325 -18.67 -20.52 9.43
CA LEU B 325 -19.17 -21.47 10.42
C LEU B 325 -18.25 -22.70 10.53
N GLY B 326 -17.75 -23.17 9.39
CA GLY B 326 -16.81 -24.30 9.37
C GLY B 326 -15.53 -23.97 10.13
N VAL B 327 -14.95 -22.82 9.83
CA VAL B 327 -13.76 -22.36 10.54
C VAL B 327 -14.00 -22.27 12.04
N MET B 328 -15.15 -21.73 12.42
CA MET B 328 -15.51 -21.58 13.82
C MET B 328 -15.70 -22.94 14.49
N ALA B 329 -16.33 -23.87 13.78
CA ALA B 329 -16.52 -25.22 14.33
C ALA B 329 -15.18 -25.90 14.63
N LYS B 330 -14.25 -25.84 13.67
CA LYS B 330 -12.94 -26.46 13.82
C LYS B 330 -12.11 -25.81 14.92
N LYS B 331 -12.34 -24.52 15.15
CA LYS B 331 -11.58 -23.79 16.16
C LYS B 331 -12.34 -23.72 17.48
N ARG B 332 -13.50 -24.35 17.51
CA ARG B 332 -14.30 -24.45 18.73
C ARG B 332 -14.81 -23.09 19.22
N TYR B 333 -15.27 -22.25 18.30
CA TYR B 333 -15.97 -21.03 18.65
C TYR B 333 -17.44 -21.14 18.27
N GLN B 334 -18.30 -20.53 19.08
CA GLN B 334 -19.75 -20.57 18.85
C GLN B 334 -20.32 -19.21 18.47
N THR B 335 -19.67 -18.12 18.87
CA THR B 335 -20.09 -16.78 18.49
C THR B 335 -18.90 -15.92 18.05
N LEU B 336 -19.19 -14.84 17.34
CA LEU B 336 -18.15 -13.94 16.87
C LEU B 336 -17.52 -13.14 18.01
N ASP B 337 -18.32 -12.81 19.03
CA ASP B 337 -17.83 -12.05 20.18
C ASP B 337 -16.73 -12.77 20.96
N GLU B 338 -16.69 -14.09 20.84
CA GLU B 338 -15.67 -14.90 21.52
C GLU B 338 -14.25 -14.64 21.03
N PHE B 339 -14.12 -14.16 19.80
CA PHE B 339 -12.77 -13.91 19.26
C PHE B 339 -12.60 -12.55 18.61
N ARG B 340 -13.66 -11.75 18.51
CA ARG B 340 -13.52 -10.43 17.89
C ARG B 340 -12.45 -9.58 18.58
N GLY B 341 -11.46 -9.17 17.81
CA GLY B 341 -10.42 -8.29 18.31
C GLY B 341 -9.36 -9.00 19.15
N LYS B 342 -9.43 -10.32 19.24
CA LYS B 342 -8.57 -11.06 20.17
C LYS B 342 -7.26 -11.59 19.56
N VAL B 343 -6.86 -11.04 18.41
CA VAL B 343 -5.59 -11.43 17.81
C VAL B 343 -4.46 -11.35 18.84
N ARG B 344 -3.68 -12.42 18.93
CA ARG B 344 -2.58 -12.50 19.89
C ARG B 344 -1.32 -11.81 19.36
N THR B 345 -0.75 -10.92 20.17
CA THR B 345 0.57 -10.36 19.88
C THR B 345 1.70 -11.13 20.57
N LEU B 346 2.93 -10.91 20.13
CA LEU B 346 4.07 -11.69 20.62
C LEU B 346 4.94 -10.85 21.54
N1 FMN C . 15.18 -0.81 2.69
C2 FMN C . 16.11 0.13 2.97
O2 FMN C . 16.07 1.20 2.30
N3 FMN C . 17.06 -0.04 3.91
C4 FMN C . 17.15 -1.16 4.64
O4 FMN C . 18.04 -1.32 5.50
C4A FMN C . 16.20 -2.25 4.39
N5 FMN C . 16.24 -3.42 5.09
C5A FMN C . 15.37 -4.41 4.79
C6 FMN C . 15.43 -5.61 5.48
C7 FMN C . 14.51 -6.62 5.17
C7M FMN C . 14.55 -7.93 5.89
C8 FMN C . 13.49 -6.40 4.11
C8M FMN C . 12.49 -7.48 3.78
C9 FMN C . 13.43 -5.20 3.42
C9A FMN C . 14.32 -4.20 3.75
N10 FMN C . 14.26 -2.98 3.05
C10 FMN C . 15.19 -1.99 3.34
C1' FMN C . 13.27 -2.74 2.00
C2' FMN C . 13.79 -3.30 0.70
O2' FMN C . 14.97 -2.58 0.34
C3' FMN C . 12.74 -3.14 -0.39
O3' FMN C . 12.46 -1.74 -0.52
C4' FMN C . 11.43 -3.88 -0.10
O4' FMN C . 11.70 -5.12 0.55
C5' FMN C . 10.60 -4.13 -1.36
O5' FMN C . 11.24 -5.04 -2.27
P FMN C . 10.84 -6.59 -2.45
O1P FMN C . 9.39 -6.53 -2.80
O2P FMN C . 11.09 -7.23 -1.08
O3P FMN C . 11.87 -6.92 -3.49
N2 0FI D . 17.62 13.13 8.51
S2 0FI D . 19.00 14.29 6.53
C4 0FI D . 17.60 14.07 7.41
C5 0FI D . 16.50 12.81 9.38
C6 0FI D . 16.38 11.45 9.78
C7 0FI D . 15.36 11.05 10.64
C8 0FI D . 14.46 12.00 11.09
C9 0FI D . 14.57 13.36 10.71
C10 0FI D . 15.59 13.76 9.85
S SO4 E . 29.75 13.75 -8.68
O1 SO4 E . 30.53 12.89 -9.59
O2 SO4 E . 30.68 14.56 -7.84
O3 SO4 E . 28.88 14.64 -9.47
O4 SO4 E . 28.92 12.89 -7.79
C1 GOL F . 2.25 13.69 3.07
O1 GOL F . 1.59 14.73 3.81
C2 GOL F . 1.68 12.35 3.52
O2 GOL F . 2.10 12.11 4.88
C3 GOL F . 2.17 11.22 2.64
O3 GOL F . 1.46 10.03 3.00
C1 GOL G . -1.92 -13.31 5.89
O1 GOL G . -2.85 -12.59 6.72
C2 GOL G . -2.63 -14.52 5.30
O2 GOL G . -3.26 -14.07 4.08
C3 GOL G . -1.74 -15.74 4.99
O3 GOL G . -0.40 -15.46 4.55
N2 0FI H . -17.25 16.64 1.95
S2 0FI H . -18.59 16.40 4.24
C4 0FI H . -17.16 16.56 3.40
C5 0FI H . -16.14 16.93 1.07
C6 0FI H . -16.07 16.12 -0.09
C7 0FI H . -15.08 16.32 -1.03
C8 0FI H . -14.14 17.33 -0.83
C9 0FI H . -14.18 18.15 0.32
C10 0FI H . -15.20 17.94 1.26
N1 FMN I . -15.73 2.02 -2.22
C2 FMN I . -16.61 2.98 -1.85
O2 FMN I . -16.54 3.44 -0.68
N3 FMN I . -17.55 3.46 -2.68
C4 FMN I . -17.70 3.04 -3.95
O4 FMN I . -18.59 3.48 -4.69
C4A FMN I . -16.79 1.98 -4.42
N5 FMN I . -16.89 1.48 -5.68
C5A FMN I . -16.06 0.48 -6.06
C6 FMN I . -16.18 -0.05 -7.35
C7 FMN I . -15.34 -1.07 -7.77
C7M FMN I . -15.46 -1.63 -9.16
C8 FMN I . -14.32 -1.60 -6.83
C8M FMN I . -13.37 -2.71 -7.25
C9 FMN I . -14.20 -1.08 -5.55
C9A FMN I . -15.03 -0.05 -5.14
N10 FMN I . -14.90 0.48 -3.84
C10 FMN I . -15.79 1.49 -3.45
C1' FMN I . -13.91 -0.04 -2.90
C2' FMN I . -14.51 -1.28 -2.23
O2' FMN I . -15.65 -0.84 -1.47
C3' FMN I . -13.49 -1.90 -1.31
O3' FMN I . -13.09 -0.88 -0.37
C4' FMN I . -12.26 -2.39 -2.07
O4' FMN I . -12.63 -2.95 -3.34
C5' FMN I . -11.47 -3.42 -1.24
O5' FMN I . -12.21 -4.61 -1.01
P FMN I . -11.91 -5.98 -1.82
O1P FMN I . -10.46 -6.24 -1.56
O2P FMN I . -12.13 -5.64 -3.28
O3P FMN I . -12.97 -6.85 -1.20
S SO4 J . -17.54 23.29 0.23
O1 SO4 J . -16.77 22.04 0.51
O2 SO4 J . -17.31 24.28 1.31
O3 SO4 J . -17.06 23.86 -1.05
O4 SO4 J . -18.98 22.98 0.13
C1 GOL K . -2.04 12.86 6.32
O1 GOL K . -1.23 14.03 6.44
C2 GOL K . -1.53 12.01 5.17
O2 GOL K . -1.76 12.69 3.93
C3 GOL K . -2.25 10.68 5.13
O3 GOL K . -1.64 9.88 4.11
C1 GOL L . 0.53 -7.01 -12.73
O1 GOL L . 1.54 -6.01 -12.90
C2 GOL L . 1.08 -8.38 -13.09
O2 GOL L . 1.86 -8.80 -11.96
C3 GOL L . 0.08 -9.50 -13.45
O3 GOL L . -1.31 -9.35 -13.10
#